data_5MW4
#
_entry.id   5MW4
#
_cell.length_a   158.360
_cell.length_b   158.360
_cell.length_c   74.590
_cell.angle_alpha   90.00
_cell.angle_beta   90.00
_cell.angle_gamma   120.00
#
_symmetry.space_group_name_H-M   'P 63'
#
loop_
_entity.id
_entity.type
_entity.pdbx_description
1 polymer 'Histone-lysine N-methyltransferase, H3 lysine-79 specific'
2 non-polymer N~2~-{[2-chloro-3-(2-methylpyridin-3-yl)-1-benzothiophen-5-yl]carbamoyl}-N-(3-{methyl[(3R)-1-(5H-pyrrolo[2,3-d]pyrimidin-4-yl)piperidin-3-yl]amino}propyl)glycinamide
3 non-polymer 'SULFATE ION'
4 water water
#
_entity_poly.entity_id   1
_entity_poly.type   'polypeptide(L)'
_entity_poly.pdbx_seq_one_letter_code
;GPGEKLELRLKSPVGAEPAVYPWPLPVYDKHHDAAHEIIETIRWVCEEIPDLKLAMENYVLIDYDTKSFESMQRLCDKYN
RAIDSIHQLWKGTTQPMKLNTRPSTGLLRHILQQVYNHSVTDPEKLNNYEPFSPEVYGETSFDLVAQMIDEIKMTDDDLF
VDLGSGVGQVVLQVAAATNCKHHYGVEKADIPAKYAETMDREFRKWMKWYGKKHAEYTLERGDFLSEEWRERIANTSVIF
VNNFAFGPEVDHQLKERFANMKEGGRIVSSKPFAPLNFRINSRNLSDIGTIMRVVELSPLKGSVSWTGKPVSYYLHTIDR
TILENYFSSLKNPG
;
_entity_poly.pdbx_strand_id   A,B
#
loop_
_chem_comp.id
_chem_comp.type
_chem_comp.name
_chem_comp.formula
5JU non-polymer N~2~-{[2-chloro-3-(2-methylpyridin-3-yl)-1-benzothiophen-5-yl]carbamoyl}-N-(3-{methyl[(3R)-1-(5H-pyrrolo[2,3-d]pyrimidin-4-yl)piperidin-3-yl]amino}propyl)glycinamide 'C32 H36 Cl N9 O2 S'
SO4 non-polymer 'SULFATE ION' 'O4 S -2'
#
# COMPACT_ATOMS: atom_id res chain seq x y z
N LEU A 6 2.63 1.56 35.55
CA LEU A 6 2.37 0.62 34.46
C LEU A 6 2.36 1.32 33.09
N GLU A 7 3.55 1.43 32.47
CA GLU A 7 3.78 2.11 31.19
C GLU A 7 5.04 1.60 30.49
N LEU A 8 5.21 1.98 29.21
CA LEU A 8 6.37 1.66 28.38
C LEU A 8 6.97 2.94 27.87
N ARG A 9 8.30 3.04 27.86
CA ARG A 9 8.99 4.23 27.38
C ARG A 9 9.97 3.92 26.27
N LEU A 10 10.00 4.78 25.22
CA LEU A 10 10.96 4.70 24.13
C LEU A 10 11.78 6.00 24.16
N LYS A 11 13.09 5.88 24.31
CA LYS A 11 13.99 7.04 24.30
C LYS A 11 14.15 7.54 22.88
N SER A 12 14.22 8.86 22.74
CA SER A 12 14.36 9.52 21.45
C SER A 12 15.76 9.28 20.90
N PRO A 13 15.96 8.97 19.60
CA PRO A 13 17.34 8.84 19.09
C PRO A 13 18.14 10.15 19.12
N VAL A 14 17.45 11.33 19.26
CA VAL A 14 18.12 12.64 19.27
C VAL A 14 18.09 13.33 20.64
N GLY A 15 17.66 12.62 21.68
CA GLY A 15 17.64 13.17 23.04
C GLY A 15 16.40 13.99 23.39
N ALA A 16 15.33 13.93 22.57
CA ALA A 16 14.09 14.63 22.93
C ALA A 16 13.42 13.86 24.09
N GLU A 17 12.30 14.37 24.63
CA GLU A 17 11.58 13.70 25.71
C GLU A 17 11.13 12.29 25.27
N PRO A 18 11.14 11.27 26.14
CA PRO A 18 10.74 9.92 25.67
C PRO A 18 9.28 9.80 25.29
N ALA A 19 8.96 8.84 24.40
CA ALA A 19 7.57 8.52 24.04
C ALA A 19 7.09 7.63 25.16
N VAL A 20 5.98 7.99 25.82
CA VAL A 20 5.45 7.25 26.96
C VAL A 20 4.12 6.62 26.57
N TYR A 21 3.98 5.32 26.78
CA TYR A 21 2.75 4.62 26.43
C TYR A 21 2.19 3.98 27.68
N PRO A 22 0.89 4.15 28.01
CA PRO A 22 0.37 3.48 29.20
C PRO A 22 0.09 2.00 28.91
N TRP A 23 0.00 1.18 29.95
CA TRP A 23 -0.32 -0.25 29.82
C TRP A 23 -1.61 -0.52 30.62
N PRO A 24 -2.65 -1.19 30.03
CA PRO A 24 -2.73 -1.78 28.69
C PRO A 24 -2.54 -0.76 27.58
N LEU A 25 -1.80 -1.14 26.51
CA LEU A 25 -1.55 -0.26 25.36
C LEU A 25 -2.83 -0.04 24.58
N PRO A 26 -3.08 1.19 24.05
CA PRO A 26 -4.30 1.40 23.25
C PRO A 26 -4.33 0.64 21.92
N VAL A 27 -5.52 0.17 21.54
CA VAL A 27 -5.80 -0.48 20.26
C VAL A 27 -6.48 0.64 19.46
N TYR A 28 -5.96 0.95 18.30
CA TYR A 28 -6.50 2.06 17.51
C TYR A 28 -7.69 1.67 16.64
N ASP A 29 -7.58 0.55 15.91
CA ASP A 29 -8.61 -0.02 15.04
C ASP A 29 -8.31 -1.51 14.88
N LYS A 30 -9.01 -2.20 13.96
CA LYS A 30 -8.80 -3.64 13.75
C LYS A 30 -7.46 -3.97 13.05
N HIS A 31 -6.78 -2.96 12.48
CA HIS A 31 -5.51 -3.09 11.75
C HIS A 31 -4.34 -2.27 12.34
N HIS A 32 -4.57 -1.55 13.46
CA HIS A 32 -3.56 -0.71 14.11
C HIS A 32 -3.66 -0.77 15.64
N ASP A 33 -2.53 -1.01 16.30
CA ASP A 33 -2.44 -1.00 17.77
C ASP A 33 -1.10 -0.38 18.18
N ALA A 34 -1.00 0.11 19.43
CA ALA A 34 0.22 0.75 19.90
C ALA A 34 1.40 -0.20 20.05
N ALA A 35 1.16 -1.51 20.27
CA ALA A 35 2.25 -2.47 20.37
C ALA A 35 3.05 -2.57 19.09
N HIS A 36 2.37 -2.63 17.93
CA HIS A 36 3.01 -2.71 16.63
C HIS A 36 3.62 -1.39 16.24
N GLU A 37 3.00 -0.29 16.66
CA GLU A 37 3.55 1.04 16.49
C GLU A 37 4.94 1.12 17.20
N ILE A 38 5.06 0.58 18.44
CA ILE A 38 6.31 0.56 19.24
C ILE A 38 7.39 -0.25 18.49
N ILE A 39 7.05 -1.49 18.09
CA ILE A 39 7.94 -2.37 17.35
C ILE A 39 8.41 -1.72 16.05
N GLU A 40 7.49 -1.12 15.30
CA GLU A 40 7.80 -0.46 14.02
C GLU A 40 8.60 0.80 14.21
N THR A 41 8.33 1.57 15.27
CA THR A 41 9.14 2.76 15.61
C THR A 41 10.61 2.35 15.83
N ILE A 42 10.83 1.27 16.62
CA ILE A 42 12.18 0.74 16.90
C ILE A 42 12.88 0.37 15.59
N ARG A 43 12.18 -0.39 14.73
CA ARG A 43 12.72 -0.81 13.43
C ARG A 43 13.12 0.39 12.55
N TRP A 44 12.31 1.45 12.54
CA TRP A 44 12.60 2.66 11.75
C TRP A 44 13.82 3.39 12.28
N VAL A 45 13.93 3.53 13.61
CA VAL A 45 15.10 4.15 14.26
C VAL A 45 16.39 3.33 13.94
N CYS A 46 16.29 1.99 13.92
CA CYS A 46 17.43 1.12 13.59
C CYS A 46 17.90 1.32 12.14
N GLU A 47 16.97 1.64 11.21
CA GLU A 47 17.26 1.99 9.81
C GLU A 47 17.96 3.33 9.73
N GLU A 48 17.45 4.32 10.50
CA GLU A 48 18.00 5.68 10.61
C GLU A 48 19.44 5.65 11.13
N ILE A 49 19.72 4.80 12.14
CA ILE A 49 21.03 4.71 12.78
C ILE A 49 21.66 3.30 12.64
N PRO A 50 22.58 3.10 11.65
CA PRO A 50 23.25 1.78 11.51
C PRO A 50 23.99 1.27 12.76
N ASP A 51 24.57 2.17 13.57
CA ASP A 51 25.27 1.78 14.83
C ASP A 51 24.28 1.13 15.81
N LEU A 52 23.05 1.66 15.87
CA LEU A 52 21.98 1.17 16.75
C LEU A 52 21.62 -0.30 16.48
N LYS A 53 21.57 -0.68 15.17
CA LYS A 53 21.30 -2.04 14.74
C LYS A 53 22.41 -2.97 15.24
N LEU A 54 23.68 -2.50 15.20
CA LEU A 54 24.84 -3.23 15.73
C LEU A 54 24.78 -3.36 17.25
N ALA A 55 24.39 -2.28 17.97
CA ALA A 55 24.31 -2.29 19.45
C ALA A 55 23.22 -3.20 19.97
N MET A 56 22.11 -3.28 19.23
CA MET A 56 20.96 -4.11 19.61
C MET A 56 21.15 -5.56 19.26
N GLU A 57 20.81 -6.44 20.22
CA GLU A 57 20.87 -7.90 20.08
C GLU A 57 19.77 -8.34 19.10
N ASN A 58 20.09 -9.34 18.25
CA ASN A 58 19.24 -9.83 17.15
C ASN A 58 17.84 -10.34 17.56
N TYR A 59 17.79 -11.26 18.54
CA TYR A 59 16.58 -11.93 19.04
C TYR A 59 15.42 -11.02 19.50
N VAL A 60 15.75 -9.79 19.97
CA VAL A 60 14.85 -8.81 20.56
C VAL A 60 13.60 -8.51 19.69
N LEU A 61 13.81 -8.15 18.40
CA LEU A 61 12.69 -7.80 17.51
C LEU A 61 12.06 -9.02 16.79
N ILE A 62 12.51 -10.24 17.12
CA ILE A 62 11.95 -11.49 16.58
C ILE A 62 11.04 -12.09 17.68
N ASP A 63 11.66 -12.39 18.86
CA ASP A 63 11.02 -12.97 20.04
C ASP A 63 10.40 -11.90 20.93
N TYR A 64 9.14 -11.55 20.63
CA TYR A 64 8.33 -10.60 21.39
C TYR A 64 6.88 -11.08 21.47
N ASP A 65 6.24 -10.85 22.61
CA ASP A 65 4.84 -11.18 22.87
C ASP A 65 4.14 -9.85 23.20
N THR A 66 3.34 -9.35 22.25
CA THR A 66 2.61 -8.09 22.40
C THR A 66 1.58 -8.08 23.51
N LYS A 67 1.18 -9.27 23.97
CA LYS A 67 0.19 -9.47 25.02
C LYS A 67 0.83 -9.66 26.39
N SER A 68 2.16 -9.51 26.48
CA SER A 68 2.89 -9.65 27.74
C SER A 68 3.55 -8.33 28.09
N PHE A 69 3.25 -7.78 29.28
CA PHE A 69 3.84 -6.53 29.74
C PHE A 69 5.36 -6.70 29.84
N GLU A 70 5.81 -7.78 30.50
CA GLU A 70 7.21 -8.11 30.71
C GLU A 70 8.00 -8.23 29.42
N SER A 71 7.45 -8.91 28.42
CA SER A 71 8.10 -9.08 27.12
C SER A 71 8.22 -7.73 26.36
N MET A 72 7.13 -6.93 26.38
CA MET A 72 7.12 -5.61 25.74
C MET A 72 8.08 -4.65 26.46
N GLN A 73 8.15 -4.76 27.77
CA GLN A 73 9.05 -3.95 28.61
C GLN A 73 10.52 -4.29 28.31
N ARG A 74 10.82 -5.59 28.12
CA ARG A 74 12.17 -6.08 27.81
C ARG A 74 12.59 -5.59 26.44
N LEU A 75 11.67 -5.59 25.46
CA LEU A 75 11.92 -5.08 24.11
C LEU A 75 12.28 -3.58 24.17
N CYS A 76 11.52 -2.78 24.93
CA CYS A 76 11.74 -1.34 25.10
C CYS A 76 13.04 -1.10 25.84
N ASP A 77 13.33 -1.92 26.87
CA ASP A 77 14.56 -1.81 27.64
C ASP A 77 15.80 -2.05 26.76
N LYS A 78 15.78 -3.10 25.90
CA LYS A 78 16.87 -3.42 24.96
C LYS A 78 17.13 -2.28 23.97
N TYR A 79 16.06 -1.70 23.41
CA TYR A 79 16.20 -0.56 22.51
C TYR A 79 16.77 0.66 23.28
N ASN A 80 16.25 0.92 24.50
CA ASN A 80 16.67 2.05 25.32
C ASN A 80 18.12 1.95 25.72
N ARG A 81 18.60 0.72 26.00
CA ARG A 81 19.99 0.51 26.36
C ARG A 81 20.89 0.72 25.15
N ALA A 82 20.44 0.30 23.95
CA ALA A 82 21.20 0.46 22.72
C ALA A 82 21.33 1.96 22.37
N ILE A 83 20.26 2.76 22.59
CA ILE A 83 20.24 4.23 22.39
C ILE A 83 21.29 4.86 23.33
N ASP A 84 21.31 4.45 24.60
CA ASP A 84 22.28 4.93 25.57
C ASP A 84 23.70 4.61 25.14
N SER A 85 23.97 3.38 24.64
CA SER A 85 25.32 2.98 24.19
C SER A 85 25.78 3.85 23.02
N ILE A 86 24.88 4.10 22.08
CA ILE A 86 25.11 4.93 20.90
C ILE A 86 25.34 6.39 21.30
N HIS A 87 24.54 6.89 22.27
CA HIS A 87 24.67 8.23 22.83
C HIS A 87 26.00 8.39 23.51
N GLN A 88 26.52 7.30 24.13
CA GLN A 88 27.84 7.24 24.75
C GLN A 88 28.96 7.27 23.69
N LEU A 89 28.80 6.51 22.58
CA LEU A 89 29.72 6.45 21.44
C LEU A 89 29.90 7.84 20.79
N TRP A 90 28.78 8.58 20.67
CA TRP A 90 28.73 9.91 20.07
C TRP A 90 29.36 10.95 20.96
N LYS A 91 29.27 10.75 22.29
CA LYS A 91 29.86 11.63 23.31
C LYS A 91 31.39 11.65 23.13
N GLY A 92 31.96 10.52 22.68
CA GLY A 92 33.38 10.37 22.39
C GLY A 92 33.85 11.19 21.21
N ASN A 100 19.31 17.73 11.36
CA ASN A 100 17.89 17.52 11.13
C ASN A 100 17.60 17.53 9.62
N THR A 101 17.39 16.35 9.08
CA THR A 101 17.12 16.15 7.67
C THR A 101 15.62 15.83 7.45
N ARG A 102 15.17 15.81 6.20
CA ARG A 102 13.79 15.48 5.86
C ARG A 102 13.62 13.96 5.98
N PRO A 103 12.48 13.46 6.48
CA PRO A 103 12.35 12.00 6.66
C PRO A 103 12.29 11.26 5.33
N SER A 104 12.71 10.00 5.32
CA SER A 104 12.55 9.20 4.10
C SER A 104 11.04 9.01 3.91
N THR A 105 10.62 8.63 2.71
CA THR A 105 9.19 8.42 2.40
C THR A 105 8.58 7.33 3.28
N GLY A 106 9.30 6.22 3.48
CA GLY A 106 8.86 5.13 4.36
C GLY A 106 8.70 5.58 5.81
N LEU A 107 9.69 6.31 6.35
CA LEU A 107 9.59 6.83 7.71
C LEU A 107 8.43 7.84 7.83
N LEU A 108 8.26 8.70 6.82
CA LEU A 108 7.20 9.70 6.83
C LEU A 108 5.81 9.03 6.89
N ARG A 109 5.61 7.94 6.14
CA ARG A 109 4.33 7.22 6.21
C ARG A 109 4.04 6.72 7.62
N HIS A 110 5.07 6.17 8.27
CA HIS A 110 4.99 5.68 9.67
C HIS A 110 4.65 6.85 10.61
N ILE A 111 5.39 7.97 10.51
CA ILE A 111 5.16 9.15 11.34
C ILE A 111 3.71 9.64 11.20
N LEU A 112 3.22 9.79 9.96
CA LEU A 112 1.85 10.25 9.70
C LEU A 112 0.80 9.32 10.27
N GLN A 113 1.01 7.99 10.14
CA GLN A 113 0.12 6.99 10.73
C GLN A 113 0.11 7.09 12.27
N GLN A 114 1.30 7.22 12.86
CA GLN A 114 1.53 7.34 14.30
C GLN A 114 0.84 8.64 14.80
N VAL A 115 1.03 9.76 14.08
CA VAL A 115 0.40 11.05 14.41
C VAL A 115 -1.13 10.92 14.37
N TYR A 116 -1.68 10.27 13.33
CA TYR A 116 -3.11 10.04 13.19
C TYR A 116 -3.67 9.16 14.32
N ASN A 117 -2.99 8.04 14.64
CA ASN A 117 -3.44 7.12 15.68
C ASN A 117 -3.51 7.74 17.05
N HIS A 118 -2.55 8.64 17.34
CA HIS A 118 -2.50 9.34 18.62
C HIS A 118 -3.49 10.50 18.68
N SER A 119 -3.91 11.03 17.51
CA SER A 119 -4.81 12.19 17.42
C SER A 119 -6.28 11.86 17.27
N VAL A 120 -6.61 11.00 16.29
CA VAL A 120 -7.99 10.61 16.00
C VAL A 120 -8.33 9.43 16.91
N THR A 121 -8.69 9.78 18.14
CA THR A 121 -9.02 8.87 19.25
C THR A 121 -10.31 8.09 19.00
N ASP A 122 -11.29 8.70 18.29
CA ASP A 122 -12.55 8.07 17.93
C ASP A 122 -12.80 8.21 16.42
N PRO A 123 -12.28 7.26 15.62
CA PRO A 123 -12.34 7.40 14.14
C PRO A 123 -13.75 7.32 13.53
N GLU A 124 -14.77 6.86 14.31
CA GLU A 124 -16.17 6.76 13.87
C GLU A 124 -16.74 8.15 13.55
N LYS A 125 -16.40 9.15 14.40
CA LYS A 125 -16.81 10.55 14.30
C LYS A 125 -16.44 11.21 12.95
N GLY A 138 -3.17 7.82 3.81
CA GLY A 138 -2.96 6.74 4.77
C GLY A 138 -2.08 5.63 4.23
N GLU A 139 -2.54 5.01 3.14
CA GLU A 139 -1.83 3.94 2.45
C GLU A 139 -1.86 4.24 0.95
N THR A 140 -3.06 4.17 0.37
CA THR A 140 -3.26 4.44 -1.05
C THR A 140 -3.14 5.95 -1.26
N SER A 141 -3.70 6.76 -0.30
CA SER A 141 -3.65 8.22 -0.35
C SER A 141 -2.20 8.68 -0.25
N PHE A 142 -1.44 8.11 0.71
CA PHE A 142 -0.06 8.49 0.97
C PHE A 142 0.80 8.40 -0.31
N ASP A 143 0.78 7.24 -0.97
CA ASP A 143 1.56 6.99 -2.18
C ASP A 143 1.14 7.89 -3.32
N LEU A 144 -0.16 8.18 -3.42
CA LEU A 144 -0.69 9.10 -4.42
C LEU A 144 -0.18 10.53 -4.16
N VAL A 145 -0.27 11.02 -2.90
CA VAL A 145 0.26 12.34 -2.51
C VAL A 145 1.75 12.42 -2.85
N ALA A 146 2.52 11.34 -2.55
CA ALA A 146 3.95 11.26 -2.84
C ALA A 146 4.18 11.41 -4.34
N GLN A 147 3.33 10.76 -5.19
CA GLN A 147 3.40 10.93 -6.65
C GLN A 147 3.10 12.38 -7.04
N MET A 148 2.08 13.00 -6.45
CA MET A 148 1.72 14.40 -6.75
C MET A 148 2.85 15.36 -6.39
N ILE A 149 3.46 15.16 -5.21
CA ILE A 149 4.60 15.96 -4.74
C ILE A 149 5.75 15.86 -5.79
N ASP A 150 6.08 14.63 -6.24
CA ASP A 150 7.13 14.40 -7.26
C ASP A 150 6.84 15.04 -8.62
N GLU A 151 5.59 15.10 -9.03
CA GLU A 151 5.17 15.69 -10.29
C GLU A 151 5.18 17.22 -10.26
N ILE A 152 4.68 17.84 -9.18
CA ILE A 152 4.51 19.30 -9.11
C ILE A 152 5.86 20.03 -8.86
N LYS A 153 6.77 19.47 -8.10
CA LYS A 153 8.12 20.07 -7.93
C LYS A 153 8.13 21.52 -7.40
N MET A 154 7.50 21.72 -6.26
CA MET A 154 7.44 23.01 -5.56
C MET A 154 8.81 23.50 -5.09
N THR A 155 9.00 24.81 -5.09
CA THR A 155 10.23 25.47 -4.63
C THR A 155 9.91 26.39 -3.45
N ASP A 156 10.95 27.06 -2.89
CA ASP A 156 10.83 28.01 -1.80
C ASP A 156 10.04 29.27 -2.17
N ASP A 157 9.78 29.48 -3.46
CA ASP A 157 8.95 30.58 -3.96
C ASP A 157 7.46 30.24 -3.83
N ASP A 158 7.13 28.93 -3.73
CA ASP A 158 5.74 28.52 -3.70
C ASP A 158 5.06 28.68 -2.34
N LEU A 159 3.74 28.89 -2.41
CA LEU A 159 2.82 28.87 -1.27
C LEU A 159 1.83 27.76 -1.60
N PHE A 160 1.68 26.81 -0.68
CA PHE A 160 0.81 25.65 -0.83
C PHE A 160 -0.44 25.75 0.06
N VAL A 161 -1.58 25.38 -0.49
CA VAL A 161 -2.85 25.33 0.25
C VAL A 161 -3.59 24.04 -0.14
N ASP A 162 -4.07 23.26 0.85
CA ASP A 162 -4.94 22.12 0.64
C ASP A 162 -6.30 22.67 1.05
N LEU A 163 -7.22 22.88 0.05
CA LEU A 163 -8.54 23.47 0.29
C LEU A 163 -9.49 22.41 0.79
N GLY A 164 -9.91 22.52 2.05
CA GLY A 164 -10.71 21.49 2.72
C GLY A 164 -9.74 20.42 3.14
N SER A 165 -8.93 20.72 4.14
CA SER A 165 -7.81 19.85 4.55
C SER A 165 -8.11 18.71 5.53
N GLY A 166 -9.36 18.60 5.98
CA GLY A 166 -9.76 17.53 6.90
C GLY A 166 -8.98 17.59 8.20
N VAL A 167 -8.32 16.46 8.58
CA VAL A 167 -7.51 16.39 9.81
C VAL A 167 -6.06 16.83 9.53
N GLY A 168 -5.77 17.19 8.27
CA GLY A 168 -4.50 17.78 7.87
C GLY A 168 -3.38 16.90 7.36
N GLN A 169 -3.63 15.59 7.09
CA GLN A 169 -2.56 14.66 6.63
C GLN A 169 -1.87 15.06 5.34
N VAL A 170 -2.61 15.62 4.38
CA VAL A 170 -1.99 15.99 3.11
C VAL A 170 -1.03 17.15 3.34
N VAL A 171 -1.44 18.15 4.13
CA VAL A 171 -0.60 19.32 4.48
C VAL A 171 0.68 18.85 5.21
N LEU A 172 0.54 17.95 6.19
CA LEU A 172 1.69 17.42 6.94
C LEU A 172 2.65 16.68 6.01
N GLN A 173 2.11 15.85 5.04
CA GLN A 173 2.96 15.12 4.10
C GLN A 173 3.72 16.09 3.20
N VAL A 174 3.02 17.07 2.62
CA VAL A 174 3.65 18.06 1.74
C VAL A 174 4.70 18.88 2.52
N ALA A 175 4.37 19.35 3.73
CA ALA A 175 5.30 20.14 4.56
C ALA A 175 6.57 19.35 4.91
N ALA A 176 6.45 18.03 5.09
CA ALA A 176 7.62 17.22 5.43
C ALA A 176 8.44 16.89 4.19
N ALA A 177 7.84 17.04 2.98
CA ALA A 177 8.54 16.68 1.74
C ALA A 177 9.09 17.82 0.93
N THR A 178 8.48 19.01 1.01
CA THR A 178 8.91 20.12 0.15
C THR A 178 9.51 21.29 0.89
N ASN A 179 10.05 22.26 0.16
CA ASN A 179 10.55 23.48 0.77
C ASN A 179 9.70 24.71 0.39
N CYS A 180 8.33 24.58 0.25
CA CYS A 180 7.45 25.76 0.03
C CYS A 180 7.68 26.69 1.20
N LYS A 181 7.55 28.00 0.96
CA LYS A 181 7.66 29.04 1.97
C LYS A 181 6.74 28.68 3.15
N HIS A 182 5.46 28.32 2.85
CA HIS A 182 4.45 27.97 3.84
C HIS A 182 3.42 27.05 3.26
N HIS A 183 2.90 26.15 4.10
CA HIS A 183 1.87 25.18 3.75
C HIS A 183 0.65 25.46 4.59
N TYR A 184 -0.51 25.56 3.98
CA TYR A 184 -1.73 25.84 4.70
C TYR A 184 -2.76 24.77 4.47
N GLY A 185 -3.57 24.55 5.49
CA GLY A 185 -4.74 23.70 5.45
C GLY A 185 -5.92 24.49 5.99
N VAL A 186 -7.03 24.54 5.25
CA VAL A 186 -8.25 25.23 5.67
C VAL A 186 -9.41 24.23 5.69
N GLU A 187 -10.03 24.06 6.85
CA GLU A 187 -11.12 23.10 7.04
C GLU A 187 -12.31 23.79 7.75
N LYS A 188 -13.50 23.68 7.15
CA LYS A 188 -14.76 24.27 7.63
C LYS A 188 -15.44 23.41 8.68
N ALA A 189 -15.45 22.06 8.49
CA ALA A 189 -16.15 21.12 9.38
C ALA A 189 -15.54 21.05 10.80
N ASP A 190 -16.41 21.09 11.83
CA ASP A 190 -16.05 21.12 13.24
C ASP A 190 -15.19 19.96 13.74
N ILE A 191 -15.65 18.70 13.56
CA ILE A 191 -14.95 17.50 14.03
C ILE A 191 -13.54 17.38 13.37
N PRO A 192 -13.36 17.47 12.01
CA PRO A 192 -12.00 17.38 11.43
C PRO A 192 -11.06 18.52 11.87
N ALA A 193 -11.57 19.77 11.90
CA ALA A 193 -10.79 20.94 12.30
C ALA A 193 -10.29 20.85 13.74
N LYS A 194 -11.10 20.24 14.64
CA LYS A 194 -10.75 20.03 16.05
C LYS A 194 -9.63 18.96 16.12
N TYR A 195 -9.79 17.83 15.42
CA TYR A 195 -8.76 16.77 15.35
C TYR A 195 -7.45 17.30 14.74
N ALA A 196 -7.52 18.23 13.76
CA ALA A 196 -6.35 18.84 13.11
C ALA A 196 -5.45 19.58 14.10
N GLU A 197 -6.06 20.18 15.15
CA GLU A 197 -5.33 20.89 16.20
C GLU A 197 -4.41 19.93 16.96
N THR A 198 -4.87 18.67 17.22
CA THR A 198 -4.08 17.64 17.88
C THR A 198 -3.03 17.09 16.89
N MET A 199 -3.44 16.86 15.61
CA MET A 199 -2.59 16.36 14.52
C MET A 199 -1.36 17.25 14.39
N ASP A 200 -1.58 18.57 14.44
CA ASP A 200 -0.54 19.59 14.40
C ASP A 200 0.46 19.43 15.57
N ARG A 201 -0.06 19.30 16.82
CA ARG A 201 0.73 19.14 18.04
C ARG A 201 1.56 17.85 18.00
N GLU A 202 0.88 16.72 17.76
CA GLU A 202 1.47 15.40 17.64
C GLU A 202 2.55 15.35 16.54
N PHE A 203 2.32 16.03 15.40
CA PHE A 203 3.27 16.01 14.30
C PHE A 203 4.57 16.71 14.68
N ARG A 204 4.47 17.91 15.23
CA ARG A 204 5.64 18.67 15.67
C ARG A 204 6.42 17.89 16.71
N LYS A 205 5.72 17.21 17.66
CA LYS A 205 6.29 16.40 18.73
C LYS A 205 7.03 15.18 18.17
N TRP A 206 6.35 14.35 17.36
CA TRP A 206 7.00 13.18 16.76
C TRP A 206 8.15 13.54 15.84
N MET A 207 8.01 14.60 15.05
CA MET A 207 9.09 15.03 14.14
C MET A 207 10.34 15.40 14.96
N LYS A 208 10.15 16.06 16.12
CA LYS A 208 11.26 16.39 17.02
C LYS A 208 11.85 15.10 17.62
N TRP A 209 10.99 14.14 18.02
CA TRP A 209 11.43 12.86 18.63
C TRP A 209 12.40 12.10 17.71
N TYR A 210 12.11 12.05 16.41
CA TYR A 210 12.96 11.39 15.41
C TYR A 210 14.11 12.29 14.94
N GLY A 211 14.00 13.59 15.22
CA GLY A 211 14.96 14.61 14.79
C GLY A 211 14.85 14.91 13.31
N LYS A 212 13.60 14.95 12.81
CA LYS A 212 13.30 15.20 11.40
C LYS A 212 12.81 16.59 11.16
N LYS A 213 13.18 17.15 10.02
CA LYS A 213 12.87 18.50 9.60
C LYS A 213 11.62 18.55 8.71
N HIS A 214 10.82 19.61 8.86
CA HIS A 214 9.64 19.87 8.02
C HIS A 214 9.59 21.37 7.79
N ALA A 215 8.96 21.78 6.68
CA ALA A 215 8.75 23.18 6.33
C ALA A 215 7.66 23.75 7.23
N GLU A 216 7.46 25.07 7.20
CA GLU A 216 6.41 25.71 7.97
C GLU A 216 5.04 25.40 7.43
N TYR A 217 4.08 25.21 8.33
CA TYR A 217 2.71 24.94 7.95
C TYR A 217 1.76 25.49 9.02
N THR A 218 0.48 25.66 8.64
CA THR A 218 -0.60 26.07 9.52
C THR A 218 -1.87 25.33 9.12
N LEU A 219 -2.52 24.71 10.10
CA LEU A 219 -3.82 24.06 9.95
C LEU A 219 -4.82 25.05 10.56
N GLU A 220 -5.76 25.55 9.74
CA GLU A 220 -6.74 26.56 10.16
C GLU A 220 -8.16 26.05 10.02
N ARG A 221 -9.03 26.55 10.88
CA ARG A 221 -10.46 26.30 10.79
C ARG A 221 -10.98 27.52 10.03
N GLY A 222 -11.74 27.30 8.97
CA GLY A 222 -12.27 28.39 8.17
C GLY A 222 -13.03 27.96 6.93
N ASP A 223 -13.64 28.91 6.24
CA ASP A 223 -14.38 28.66 5.01
C ASP A 223 -13.53 29.18 3.86
N PHE A 224 -13.16 28.31 2.90
CA PHE A 224 -12.34 28.75 1.78
C PHE A 224 -13.12 29.61 0.76
N LEU A 225 -14.43 29.79 0.99
CA LEU A 225 -15.28 30.64 0.14
C LEU A 225 -15.49 32.03 0.76
N SER A 226 -14.85 32.31 1.92
CA SER A 226 -14.95 33.62 2.60
C SER A 226 -14.16 34.73 1.84
N GLU A 227 -14.42 36.00 2.17
CA GLU A 227 -13.75 37.16 1.57
C GLU A 227 -12.25 37.16 1.86
N GLU A 228 -11.87 36.77 3.10
CA GLU A 228 -10.49 36.61 3.53
C GLU A 228 -9.81 35.61 2.56
N TRP A 229 -10.45 34.45 2.33
CA TRP A 229 -9.87 33.41 1.47
C TRP A 229 -9.85 33.74 -0.02
N ARG A 230 -10.67 34.72 -0.50
CA ARG A 230 -10.68 35.16 -1.90
C ARG A 230 -9.28 35.68 -2.31
N GLU A 231 -8.69 36.58 -1.49
CA GLU A 231 -7.37 37.16 -1.73
C GLU A 231 -6.26 36.16 -1.51
N ARG A 232 -6.40 35.30 -0.48
CA ARG A 232 -5.43 34.24 -0.15
C ARG A 232 -5.32 33.24 -1.30
N ILE A 233 -6.46 32.82 -1.89
CA ILE A 233 -6.47 31.93 -3.06
C ILE A 233 -5.78 32.64 -4.25
N ALA A 234 -6.09 33.94 -4.47
CA ALA A 234 -5.47 34.75 -5.52
C ALA A 234 -3.94 34.76 -5.38
N ASN A 235 -3.43 34.71 -4.12
CA ASN A 235 -2.01 34.74 -3.83
C ASN A 235 -1.36 33.38 -3.59
N THR A 236 -2.04 32.28 -3.91
CA THR A 236 -1.47 30.93 -3.72
C THR A 236 -0.95 30.42 -5.07
N SER A 237 0.27 29.90 -5.08
CA SER A 237 0.84 29.37 -6.32
C SER A 237 0.47 27.89 -6.56
N VAL A 238 0.27 27.13 -5.47
CA VAL A 238 -0.08 25.70 -5.56
C VAL A 238 -1.28 25.37 -4.66
N ILE A 239 -2.39 24.99 -5.29
CA ILE A 239 -3.60 24.57 -4.60
C ILE A 239 -3.81 23.07 -4.83
N PHE A 240 -4.08 22.33 -3.76
CA PHE A 240 -4.49 20.94 -3.82
C PHE A 240 -5.92 20.96 -3.30
N VAL A 241 -6.81 20.25 -3.98
CA VAL A 241 -8.19 20.24 -3.51
C VAL A 241 -8.85 18.90 -3.83
N ASN A 242 -9.38 18.23 -2.81
CA ASN A 242 -10.13 16.99 -3.04
C ASN A 242 -11.59 17.43 -3.25
N ASN A 243 -11.93 17.82 -4.49
CA ASN A 243 -13.23 18.36 -4.86
C ASN A 243 -14.28 17.31 -5.26
N PHE A 244 -13.95 16.00 -5.23
CA PHE A 244 -14.86 14.94 -5.67
C PHE A 244 -16.28 15.04 -5.07
N ALA A 245 -16.38 15.25 -3.73
CA ALA A 245 -17.69 15.32 -3.06
C ALA A 245 -18.34 16.72 -2.98
N PHE A 246 -17.74 17.75 -3.62
CA PHE A 246 -18.29 19.11 -3.59
C PHE A 246 -19.56 19.27 -4.40
N GLY A 247 -20.47 20.09 -3.90
CA GLY A 247 -21.70 20.42 -4.60
C GLY A 247 -21.42 21.34 -5.77
N PRO A 248 -22.37 21.51 -6.71
CA PRO A 248 -22.11 22.40 -7.87
C PRO A 248 -21.94 23.88 -7.49
N GLU A 249 -22.50 24.30 -6.33
CA GLU A 249 -22.41 25.68 -5.86
C GLU A 249 -21.03 25.96 -5.29
N VAL A 250 -20.44 25.00 -4.56
CA VAL A 250 -19.07 25.11 -4.01
C VAL A 250 -18.11 25.12 -5.20
N ASP A 251 -18.30 24.20 -6.15
CA ASP A 251 -17.53 24.10 -7.38
C ASP A 251 -17.60 25.40 -8.21
N HIS A 252 -18.82 25.96 -8.36
CA HIS A 252 -19.06 27.20 -9.09
C HIS A 252 -18.33 28.35 -8.43
N GLN A 253 -18.46 28.49 -7.10
CA GLN A 253 -17.79 29.54 -6.32
C GLN A 253 -16.25 29.39 -6.35
N LEU A 254 -15.73 28.13 -6.36
CA LEU A 254 -14.30 27.87 -6.42
C LEU A 254 -13.71 28.31 -7.73
N LYS A 255 -14.40 28.02 -8.85
CA LYS A 255 -13.96 28.45 -10.20
C LYS A 255 -13.78 29.97 -10.21
N GLU A 256 -14.69 30.69 -9.50
CA GLU A 256 -14.68 32.15 -9.39
C GLU A 256 -13.47 32.63 -8.60
N ARG A 257 -13.04 31.86 -7.57
CA ARG A 257 -11.85 32.14 -6.76
C ARG A 257 -10.59 31.88 -7.59
N PHE A 258 -10.56 30.78 -8.36
CA PHE A 258 -9.44 30.42 -9.22
C PHE A 258 -9.20 31.42 -10.34
N ALA A 259 -10.27 32.13 -10.81
CA ALA A 259 -10.21 33.16 -11.84
C ALA A 259 -9.37 34.38 -11.41
N ASN A 260 -9.06 34.52 -10.10
CA ASN A 260 -8.21 35.60 -9.59
C ASN A 260 -6.75 35.17 -9.40
N MET A 261 -6.43 33.89 -9.66
CA MET A 261 -5.06 33.39 -9.49
C MET A 261 -4.11 33.98 -10.55
N LYS A 262 -2.81 34.00 -10.22
CA LYS A 262 -1.75 34.53 -11.09
C LYS A 262 -1.42 33.52 -12.19
N GLU A 263 -0.82 33.98 -13.32
CA GLU A 263 -0.36 33.14 -14.42
C GLU A 263 0.59 32.10 -13.87
N GLY A 264 0.43 30.85 -14.31
CA GLY A 264 1.29 29.77 -13.84
C GLY A 264 0.85 29.14 -12.52
N GLY A 265 -0.18 29.70 -11.89
CA GLY A 265 -0.75 29.16 -10.66
C GLY A 265 -1.29 27.76 -10.97
N ARG A 266 -1.13 26.82 -10.04
CA ARG A 266 -1.52 25.44 -10.30
C ARG A 266 -2.55 24.91 -9.32
N ILE A 267 -3.50 24.10 -9.82
CA ILE A 267 -4.55 23.46 -9.03
C ILE A 267 -4.50 21.95 -9.31
N VAL A 268 -4.29 21.15 -8.27
CA VAL A 268 -4.26 19.69 -8.36
C VAL A 268 -5.53 19.18 -7.65
N SER A 269 -6.40 18.52 -8.39
CA SER A 269 -7.68 18.10 -7.86
C SER A 269 -8.04 16.65 -8.20
N SER A 270 -9.06 16.12 -7.53
CA SER A 270 -9.52 14.74 -7.73
C SER A 270 -10.53 14.63 -8.88
N LYS A 271 -11.13 15.77 -9.28
CA LYS A 271 -12.08 15.88 -10.37
C LYS A 271 -11.71 17.15 -11.16
N PRO A 272 -11.64 17.14 -12.51
CA PRO A 272 -11.26 18.36 -13.24
C PRO A 272 -12.28 19.49 -13.10
N PHE A 273 -11.79 20.74 -13.06
CA PHE A 273 -12.66 21.93 -13.01
C PHE A 273 -13.06 22.40 -14.41
N ALA A 274 -12.40 21.90 -15.44
CA ALA A 274 -12.72 22.25 -16.82
C ALA A 274 -12.49 21.02 -17.73
N PRO A 275 -13.11 20.95 -18.93
CA PRO A 275 -12.85 19.76 -19.78
C PRO A 275 -11.40 19.66 -20.20
N LEU A 276 -10.95 18.42 -20.40
CA LEU A 276 -9.56 18.11 -20.78
C LEU A 276 -9.26 18.59 -22.21
N ASN A 277 -10.32 18.60 -23.04
CA ASN A 277 -10.38 18.94 -24.46
C ASN A 277 -11.12 20.27 -24.72
N PHE A 278 -11.12 21.21 -23.74
CA PHE A 278 -11.81 22.50 -23.91
C PHE A 278 -11.34 23.21 -25.17
N ARG A 279 -12.30 23.67 -25.98
CA ARG A 279 -12.06 24.41 -27.21
C ARG A 279 -12.82 25.71 -27.13
N ILE A 280 -12.06 26.79 -26.96
CA ILE A 280 -12.59 28.13 -26.86
C ILE A 280 -13.34 28.52 -28.16
N ASN A 281 -14.52 29.10 -28.00
CA ASN A 281 -15.37 29.61 -29.07
C ASN A 281 -16.17 30.78 -28.53
N SER A 282 -17.03 31.39 -29.39
CA SER A 282 -17.85 32.55 -29.05
C SER A 282 -18.90 32.28 -27.98
N ARG A 283 -19.31 31.01 -27.83
CA ARG A 283 -20.35 30.60 -26.90
C ARG A 283 -19.89 30.15 -25.51
N ASN A 284 -18.57 30.01 -25.29
CA ASN A 284 -18.08 29.52 -23.99
C ASN A 284 -17.03 30.43 -23.33
N LEU A 285 -17.05 31.74 -23.67
CA LEU A 285 -16.07 32.71 -23.17
C LEU A 285 -16.08 32.98 -21.65
N SER A 286 -17.13 32.50 -20.98
CA SER A 286 -17.31 32.65 -19.54
C SER A 286 -16.81 31.45 -18.75
N ASP A 287 -16.52 30.34 -19.44
CA ASP A 287 -16.03 29.13 -18.80
C ASP A 287 -14.59 29.27 -18.29
N ILE A 288 -14.30 28.61 -17.17
CA ILE A 288 -12.98 28.61 -16.53
C ILE A 288 -11.90 28.03 -17.52
N GLY A 289 -12.33 27.19 -18.47
CA GLY A 289 -11.46 26.62 -19.49
C GLY A 289 -10.76 27.63 -20.37
N THR A 290 -11.29 28.85 -20.44
CA THR A 290 -10.68 29.93 -21.21
C THR A 290 -9.37 30.44 -20.57
N ILE A 291 -9.12 30.13 -19.29
CA ILE A 291 -7.94 30.67 -18.62
C ILE A 291 -7.08 29.61 -17.96
N MET A 292 -7.32 28.33 -18.23
CA MET A 292 -6.46 27.28 -17.65
C MET A 292 -6.26 26.07 -18.54
N ARG A 293 -5.02 25.55 -18.59
CA ARG A 293 -4.67 24.28 -19.25
C ARG A 293 -5.08 23.22 -18.19
N VAL A 294 -5.54 22.05 -18.63
CA VAL A 294 -5.97 20.96 -17.73
C VAL A 294 -5.40 19.66 -18.30
N VAL A 295 -4.74 18.85 -17.47
CA VAL A 295 -4.17 17.55 -17.85
C VAL A 295 -4.53 16.51 -16.77
N GLU A 296 -4.80 15.30 -17.23
CA GLU A 296 -5.09 14.15 -16.39
C GLU A 296 -3.77 13.45 -16.23
N LEU A 297 -3.36 13.27 -14.97
CA LEU A 297 -2.14 12.59 -14.63
C LEU A 297 -2.45 11.31 -13.90
N SER A 298 -1.64 10.29 -14.09
CA SER A 298 -1.88 9.02 -13.43
C SER A 298 -0.59 8.34 -13.05
N PRO A 299 -0.49 7.80 -11.81
CA PRO A 299 0.72 7.01 -11.45
C PRO A 299 0.94 5.78 -12.35
N LEU A 300 -0.13 5.24 -12.97
CA LEU A 300 -0.08 4.11 -13.90
C LEU A 300 0.74 4.39 -15.17
N LYS A 301 0.79 5.67 -15.61
CA LYS A 301 1.58 6.13 -16.75
C LYS A 301 2.95 6.61 -16.24
N SER A 305 7.10 2.11 -11.14
CA SER A 305 6.29 0.89 -11.08
C SER A 305 5.17 0.97 -10.00
N TRP A 306 3.96 1.47 -10.41
CA TRP A 306 2.75 1.62 -9.56
C TRP A 306 2.00 0.30 -9.46
N THR A 307 1.55 -0.06 -8.25
CA THR A 307 0.79 -1.26 -8.00
C THR A 307 -0.47 -0.97 -7.17
N GLY A 308 -0.74 0.29 -6.84
CA GLY A 308 -1.97 0.69 -6.13
C GLY A 308 -3.19 0.80 -7.03
N LYS A 309 -4.26 1.48 -6.55
CA LYS A 309 -5.52 1.73 -7.27
C LYS A 309 -5.31 2.51 -8.60
N PRO A 310 -6.09 2.18 -9.66
CA PRO A 310 -5.93 2.92 -10.93
C PRO A 310 -6.58 4.31 -10.79
N VAL A 311 -5.89 5.22 -10.14
CA VAL A 311 -6.39 6.54 -9.81
C VAL A 311 -5.73 7.65 -10.68
N SER A 312 -6.49 8.71 -10.91
CA SER A 312 -6.05 9.86 -11.66
C SER A 312 -6.16 11.10 -10.78
N TYR A 313 -5.35 12.09 -11.09
CA TYR A 313 -5.44 13.43 -10.52
C TYR A 313 -5.37 14.42 -11.67
N TYR A 314 -5.83 15.65 -11.43
CA TYR A 314 -5.97 16.64 -12.49
C TYR A 314 -5.17 17.88 -12.20
N LEU A 315 -4.25 18.23 -13.10
CA LEU A 315 -3.41 19.40 -12.96
C LEU A 315 -3.94 20.53 -13.87
N HIS A 316 -4.35 21.66 -13.24
CA HIS A 316 -4.84 22.86 -13.92
C HIS A 316 -3.77 23.93 -13.78
N THR A 317 -3.38 24.57 -14.88
CA THR A 317 -2.39 25.64 -14.87
C THR A 317 -3.03 26.89 -15.43
N ILE A 318 -3.01 27.97 -14.64
CA ILE A 318 -3.54 29.28 -15.06
C ILE A 318 -2.72 29.77 -16.25
N ASP A 319 -3.42 30.03 -17.33
CA ASP A 319 -2.81 30.51 -18.57
C ASP A 319 -3.81 31.33 -19.36
N ARG A 320 -3.76 32.65 -19.16
CA ARG A 320 -4.66 33.58 -19.83
C ARG A 320 -4.33 33.78 -21.30
N THR A 321 -3.23 33.18 -21.81
CA THR A 321 -2.90 33.29 -23.24
C THR A 321 -3.93 32.50 -24.06
N ILE A 322 -4.67 31.55 -23.45
CA ILE A 322 -5.73 30.81 -24.16
C ILE A 322 -6.76 31.84 -24.63
N LEU A 323 -7.20 32.73 -23.69
CA LEU A 323 -8.15 33.78 -23.96
C LEU A 323 -7.56 34.87 -24.86
N GLU A 324 -6.28 35.28 -24.63
CA GLU A 324 -5.65 36.33 -25.46
C GLU A 324 -5.52 35.90 -26.93
N ASN A 325 -5.08 34.64 -27.17
CA ASN A 325 -4.92 34.09 -28.53
C ASN A 325 -6.26 34.05 -29.28
N TYR A 326 -7.36 33.70 -28.59
CA TYR A 326 -8.70 33.67 -29.18
C TYR A 326 -9.10 35.08 -29.62
N PHE A 327 -8.86 36.10 -28.78
CA PHE A 327 -9.16 37.49 -29.13
C PHE A 327 -8.28 38.02 -30.28
N SER A 328 -6.96 37.66 -30.26
CA SER A 328 -6.00 38.02 -31.31
C SER A 328 -6.42 37.43 -32.64
N SER A 329 -6.98 36.20 -32.62
CA SER A 329 -7.47 35.53 -33.82
C SER A 329 -8.79 36.13 -34.34
N LEU A 330 -9.58 36.78 -33.47
CA LEU A 330 -10.84 37.45 -33.85
C LEU A 330 -10.54 38.75 -34.58
N LYS A 331 -9.42 39.40 -34.22
CA LYS A 331 -8.97 40.67 -34.79
C LYS A 331 -8.16 40.46 -36.10
N ASN A 332 -7.70 39.19 -36.32
CA ASN A 332 -6.93 38.76 -37.50
C ASN A 332 -7.65 37.62 -38.23
N LYS B 5 -32.52 -7.60 -14.73
CA LYS B 5 -33.12 -6.26 -14.61
C LYS B 5 -32.32 -5.35 -13.64
N LEU B 6 -32.49 -5.59 -12.31
CA LEU B 6 -31.84 -4.82 -11.25
C LEU B 6 -30.42 -5.29 -11.12
N GLU B 7 -29.61 -5.00 -12.16
CA GLU B 7 -28.22 -5.46 -12.16
C GLU B 7 -27.34 -4.65 -13.12
N LEU B 8 -26.03 -4.82 -13.00
CA LEU B 8 -25.02 -4.20 -13.86
C LEU B 8 -24.14 -5.29 -14.43
N ARG B 9 -23.81 -5.17 -15.72
CA ARG B 9 -22.97 -6.16 -16.40
C ARG B 9 -21.75 -5.54 -17.01
N LEU B 10 -20.60 -6.24 -16.86
CA LEU B 10 -19.34 -5.86 -17.50
C LEU B 10 -18.94 -6.99 -18.45
N LYS B 11 -18.80 -6.67 -19.73
CA LYS B 11 -18.36 -7.65 -20.74
C LYS B 11 -16.88 -7.91 -20.57
N SER B 12 -16.50 -9.16 -20.70
CA SER B 12 -15.10 -9.56 -20.60
C SER B 12 -14.32 -9.02 -21.83
N PRO B 13 -13.08 -8.50 -21.65
CA PRO B 13 -12.31 -8.07 -22.84
C PRO B 13 -11.93 -9.22 -23.80
N VAL B 14 -12.00 -10.49 -23.35
CA VAL B 14 -11.62 -11.65 -24.16
C VAL B 14 -12.81 -12.55 -24.52
N GLY B 15 -14.04 -12.07 -24.29
CA GLY B 15 -15.23 -12.82 -24.69
C GLY B 15 -15.68 -13.89 -23.71
N ALA B 16 -15.15 -13.91 -22.46
CA ALA B 16 -15.66 -14.86 -21.46
C ALA B 16 -17.08 -14.37 -21.03
N GLU B 17 -17.78 -15.14 -20.17
CA GLU B 17 -19.11 -14.73 -19.70
C GLU B 17 -19.02 -13.38 -18.95
N PRO B 18 -20.05 -12.51 -19.03
CA PRO B 18 -19.94 -11.20 -18.36
C PRO B 18 -19.93 -11.28 -16.84
N ALA B 19 -19.32 -10.28 -16.18
CA ALA B 19 -19.36 -10.16 -14.71
C ALA B 19 -20.73 -9.50 -14.43
N VAL B 20 -21.55 -10.11 -13.59
CA VAL B 20 -22.92 -9.63 -13.31
C VAL B 20 -22.97 -9.18 -11.84
N TYR B 21 -23.43 -7.96 -11.61
CA TYR B 21 -23.51 -7.44 -10.24
C TYR B 21 -24.93 -7.07 -9.96
N PRO B 22 -25.51 -7.48 -8.83
CA PRO B 22 -26.89 -7.06 -8.54
C PRO B 22 -26.91 -5.58 -8.07
N TRP B 23 -28.04 -4.91 -8.27
CA TRP B 23 -28.23 -3.57 -7.77
C TRP B 23 -29.29 -3.68 -6.65
N PRO B 24 -29.17 -3.04 -5.46
CA PRO B 24 -28.07 -2.18 -4.97
C PRO B 24 -26.73 -2.93 -4.93
N LEU B 25 -25.63 -2.23 -5.23
CA LEU B 25 -24.32 -2.87 -5.24
C LEU B 25 -23.84 -3.26 -3.87
N PRO B 26 -23.32 -4.48 -3.70
CA PRO B 26 -22.82 -4.87 -2.38
C PRO B 26 -21.66 -4.04 -1.83
N VAL B 27 -21.62 -3.97 -0.51
CA VAL B 27 -20.53 -3.33 0.23
C VAL B 27 -19.73 -4.49 0.84
N TYR B 28 -18.43 -4.55 0.56
CA TYR B 28 -17.58 -5.65 1.03
C TYR B 28 -17.09 -5.48 2.44
N ASP B 29 -16.51 -4.31 2.72
CA ASP B 29 -15.96 -3.91 4.00
C ASP B 29 -15.97 -2.39 4.03
N LYS B 30 -15.33 -1.79 5.05
CA LYS B 30 -15.32 -0.32 5.20
C LYS B 30 -14.45 0.39 4.15
N HIS B 31 -13.59 -0.36 3.42
CA HIS B 31 -12.68 0.16 2.40
C HIS B 31 -12.90 -0.43 0.98
N HIS B 32 -13.89 -1.34 0.82
CA HIS B 32 -14.19 -1.98 -0.47
C HIS B 32 -15.69 -2.13 -0.72
N ASP B 33 -16.14 -1.74 -1.91
CA ASP B 33 -17.54 -1.89 -2.35
C ASP B 33 -17.57 -2.27 -3.83
N ALA B 34 -18.67 -2.87 -4.33
CA ALA B 34 -18.78 -3.29 -5.70
C ALA B 34 -18.74 -2.13 -6.72
N ALA B 35 -19.22 -0.94 -6.33
CA ALA B 35 -19.20 0.22 -7.26
C ALA B 35 -17.79 0.59 -7.66
N HIS B 36 -16.89 0.63 -6.70
CA HIS B 36 -15.49 1.01 -6.94
C HIS B 36 -14.74 -0.12 -7.60
N GLU B 37 -15.09 -1.35 -7.28
CA GLU B 37 -14.56 -2.52 -7.95
C GLU B 37 -14.89 -2.46 -9.47
N ILE B 38 -16.13 -2.08 -9.84
CA ILE B 38 -16.58 -1.92 -11.23
C ILE B 38 -15.75 -0.84 -11.95
N ILE B 39 -15.68 0.36 -11.34
CA ILE B 39 -14.92 1.48 -11.89
C ILE B 39 -13.45 1.11 -12.06
N GLU B 40 -12.84 0.47 -11.05
CA GLU B 40 -11.43 0.06 -11.11
C GLU B 40 -11.19 -1.06 -12.09
N THR B 41 -12.13 -2.02 -12.23
CA THR B 41 -12.03 -3.07 -13.25
C THR B 41 -11.96 -2.41 -14.66
N ILE B 42 -12.87 -1.45 -14.94
CA ILE B 42 -12.90 -0.73 -16.22
C ILE B 42 -11.57 -0.05 -16.49
N ARG B 43 -11.05 0.70 -15.50
CA ARG B 43 -9.75 1.37 -15.61
C ARG B 43 -8.60 0.41 -15.91
N TRP B 44 -8.59 -0.77 -15.28
CA TRP B 44 -7.55 -1.78 -15.49
C TRP B 44 -7.63 -2.35 -16.89
N VAL B 45 -8.84 -2.66 -17.39
CA VAL B 45 -9.05 -3.16 -18.76
C VAL B 45 -8.60 -2.11 -19.78
N CYS B 46 -8.85 -0.82 -19.53
CA CYS B 46 -8.41 0.27 -20.42
C CYS B 46 -6.89 0.37 -20.50
N GLU B 47 -6.18 0.06 -19.40
CA GLU B 47 -4.71 -0.02 -19.34
C GLU B 47 -4.21 -1.20 -20.14
N GLU B 48 -4.86 -2.36 -19.99
CA GLU B 48 -4.57 -3.61 -20.70
C GLU B 48 -4.70 -3.42 -22.21
N ILE B 49 -5.77 -2.73 -22.65
CA ILE B 49 -6.09 -2.54 -24.07
C ILE B 49 -6.05 -1.05 -24.47
N PRO B 50 -4.93 -0.57 -25.07
CA PRO B 50 -4.89 0.83 -25.55
C PRO B 50 -5.99 1.23 -26.54
N ASP B 51 -6.46 0.29 -27.42
CA ASP B 51 -7.57 0.60 -28.37
C ASP B 51 -8.86 0.94 -27.59
N LEU B 52 -9.10 0.22 -26.47
CA LEU B 52 -10.29 0.43 -25.61
C LEU B 52 -10.37 1.83 -25.04
N LYS B 53 -9.20 2.34 -24.62
CA LYS B 53 -9.04 3.68 -24.08
C LYS B 53 -9.45 4.69 -25.13
N LEU B 54 -9.05 4.48 -26.41
CA LEU B 54 -9.42 5.31 -27.57
C LEU B 54 -10.90 5.20 -27.90
N ALA B 55 -11.49 3.99 -27.82
CA ALA B 55 -12.91 3.79 -28.14
C ALA B 55 -13.82 4.43 -27.11
N MET B 56 -13.40 4.43 -25.85
CA MET B 56 -14.18 5.01 -24.76
C MET B 56 -14.06 6.49 -24.66
N GLU B 57 -15.22 7.16 -24.49
CA GLU B 57 -15.34 8.61 -24.33
C GLU B 57 -14.75 9.01 -22.96
N ASN B 58 -14.04 10.15 -22.91
CA ASN B 58 -13.29 10.64 -21.74
C ASN B 58 -14.13 10.87 -20.45
N TYR B 59 -15.25 11.61 -20.57
CA TYR B 59 -16.15 12.01 -19.47
C TYR B 59 -16.70 10.87 -18.59
N VAL B 60 -16.83 9.65 -19.18
CA VAL B 60 -17.42 8.45 -18.61
C VAL B 60 -16.85 8.09 -17.19
N LEU B 61 -15.53 7.96 -17.08
CA LEU B 61 -14.88 7.57 -15.82
C LEU B 61 -14.58 8.76 -14.87
N ILE B 62 -15.03 9.97 -15.25
CA ILE B 62 -14.88 11.17 -14.41
C ILE B 62 -16.27 11.44 -13.76
N ASP B 63 -17.28 11.65 -14.61
CA ASP B 63 -18.68 11.99 -14.32
C ASP B 63 -19.54 10.72 -14.07
N TYR B 64 -19.41 10.16 -12.85
CA TYR B 64 -20.16 8.97 -12.41
C TYR B 64 -20.67 9.21 -10.99
N ASP B 65 -21.89 8.76 -10.71
CA ASP B 65 -22.53 8.83 -9.41
C ASP B 65 -22.80 7.37 -8.99
N THR B 66 -22.02 6.88 -8.02
CA THR B 66 -22.12 5.51 -7.51
C THR B 66 -23.46 5.19 -6.85
N LYS B 67 -24.21 6.23 -6.45
CA LYS B 67 -25.50 6.15 -5.78
C LYS B 67 -26.66 6.28 -6.74
N SER B 68 -26.37 6.31 -8.05
CA SER B 68 -27.41 6.40 -9.08
C SER B 68 -27.35 5.16 -9.95
N PHE B 69 -28.48 4.41 -10.04
CA PHE B 69 -28.53 3.22 -10.87
C PHE B 69 -28.27 3.60 -12.34
N GLU B 70 -28.98 4.63 -12.81
CA GLU B 70 -28.89 5.13 -14.17
C GLU B 70 -27.48 5.57 -14.56
N SER B 71 -26.79 6.28 -13.68
CA SER B 71 -25.42 6.73 -13.94
C SER B 71 -24.43 5.53 -13.97
N MET B 72 -24.57 4.59 -13.04
CA MET B 72 -23.72 3.38 -13.02
C MET B 72 -24.00 2.49 -14.24
N GLN B 73 -25.25 2.42 -14.65
CA GLN B 73 -25.66 1.66 -15.83
C GLN B 73 -25.09 2.29 -17.12
N ARG B 74 -25.06 3.63 -17.20
CA ARG B 74 -24.53 4.37 -18.34
C ARG B 74 -23.00 4.15 -18.42
N LEU B 75 -22.32 4.15 -17.27
CA LEU B 75 -20.89 3.88 -17.20
C LEU B 75 -20.57 2.45 -17.76
N CYS B 76 -21.35 1.45 -17.33
CA CYS B 76 -21.19 0.06 -17.77
C CYS B 76 -21.54 -0.07 -19.24
N ASP B 77 -22.58 0.65 -19.69
CA ASP B 77 -23.02 0.61 -21.08
C ASP B 77 -21.91 1.18 -22.01
N LYS B 78 -21.27 2.31 -21.62
CA LYS B 78 -20.17 2.93 -22.37
C LYS B 78 -18.96 1.99 -22.49
N TYR B 79 -18.58 1.34 -21.40
CA TYR B 79 -17.49 0.37 -21.43
C TYR B 79 -17.88 -0.83 -22.34
N ASN B 80 -19.12 -1.33 -22.19
CA ASN B 80 -19.61 -2.48 -22.95
C ASN B 80 -19.65 -2.20 -24.43
N ARG B 81 -20.04 -0.97 -24.81
CA ARG B 81 -20.08 -0.57 -26.22
C ARG B 81 -18.67 -0.46 -26.79
N ALA B 82 -17.71 0.04 -25.99
CA ALA B 82 -16.32 0.17 -26.41
C ALA B 82 -15.69 -1.23 -26.63
N ILE B 83 -16.02 -2.20 -25.77
CA ILE B 83 -15.60 -3.62 -25.86
C ILE B 83 -16.12 -4.21 -27.19
N ASP B 84 -17.40 -3.97 -27.49
CA ASP B 84 -18.01 -4.43 -28.74
C ASP B 84 -17.30 -3.82 -29.95
N SER B 85 -16.97 -2.50 -29.90
CA SER B 85 -16.29 -1.84 -31.04
C SER B 85 -14.90 -2.46 -31.27
N ILE B 86 -14.18 -2.72 -30.18
CA ILE B 86 -12.85 -3.32 -30.18
C ILE B 86 -12.90 -4.76 -30.69
N HIS B 87 -13.96 -5.51 -30.32
CA HIS B 87 -14.16 -6.85 -30.84
C HIS B 87 -14.45 -6.81 -32.36
N GLN B 88 -15.12 -5.74 -32.86
CA GLN B 88 -15.34 -5.58 -34.28
C GLN B 88 -14.02 -5.25 -34.98
N LEU B 89 -13.22 -4.35 -34.37
CA LEU B 89 -11.92 -3.93 -34.90
C LEU B 89 -10.98 -5.14 -35.02
N TRP B 90 -10.97 -6.02 -34.02
CA TRP B 90 -10.11 -7.21 -34.03
C TRP B 90 -10.57 -8.25 -35.03
N LYS B 91 -11.89 -8.36 -35.23
CA LYS B 91 -12.54 -9.24 -36.22
C LYS B 91 -12.09 -8.80 -37.65
N GLY B 92 -11.99 -7.48 -37.90
CA GLY B 92 -11.55 -6.91 -39.17
C GLY B 92 -10.05 -7.05 -39.44
N THR B 93 -9.20 -6.63 -38.49
CA THR B 93 -7.72 -6.69 -38.60
C THR B 93 -7.20 -8.13 -38.63
N ASN B 100 -2.93 -14.61 -23.95
CA ASN B 100 -2.99 -15.07 -22.58
C ASN B 100 -1.63 -14.83 -21.91
N THR B 101 -1.47 -13.66 -21.30
CA THR B 101 -0.21 -13.29 -20.67
C THR B 101 -0.34 -13.26 -19.14
N ARG B 102 0.80 -13.29 -18.40
CA ARG B 102 0.78 -13.17 -16.94
C ARG B 102 0.30 -11.74 -16.60
N PRO B 103 -0.54 -11.54 -15.57
CA PRO B 103 -1.02 -10.17 -15.29
C PRO B 103 0.10 -9.27 -14.77
N SER B 104 -0.02 -7.97 -14.98
CA SER B 104 0.96 -7.03 -14.40
C SER B 104 0.74 -7.12 -12.87
N THR B 105 1.71 -6.65 -12.10
CA THR B 105 1.63 -6.65 -10.63
C THR B 105 0.43 -5.82 -10.13
N GLY B 106 0.20 -4.65 -10.72
CA GLY B 106 -0.94 -3.81 -10.37
C GLY B 106 -2.28 -4.47 -10.65
N LEU B 107 -2.42 -5.09 -11.82
CA LEU B 107 -3.65 -5.81 -12.18
C LEU B 107 -3.84 -7.02 -11.26
N LEU B 108 -2.74 -7.76 -10.95
CA LEU B 108 -2.82 -8.94 -10.08
C LEU B 108 -3.32 -8.55 -8.69
N ARG B 109 -2.87 -7.43 -8.14
CA ARG B 109 -3.36 -6.99 -6.83
C ARG B 109 -4.89 -6.76 -6.86
N HIS B 110 -5.37 -6.11 -7.92
CA HIS B 110 -6.80 -5.86 -8.14
C HIS B 110 -7.57 -7.19 -8.25
N ILE B 111 -7.08 -8.11 -9.09
CA ILE B 111 -7.69 -9.44 -9.23
C ILE B 111 -7.79 -10.18 -7.90
N LEU B 112 -6.69 -10.23 -7.13
CA LEU B 112 -6.68 -10.90 -5.81
C LEU B 112 -7.66 -10.29 -4.82
N GLN B 113 -7.76 -8.95 -4.82
CA GLN B 113 -8.72 -8.23 -3.98
C GLN B 113 -10.17 -8.57 -4.38
N GLN B 114 -10.43 -8.53 -5.68
CA GLN B 114 -11.71 -8.85 -6.30
C GLN B 114 -12.11 -10.29 -5.97
N VAL B 115 -11.16 -11.24 -6.11
CA VAL B 115 -11.35 -12.66 -5.78
C VAL B 115 -11.72 -12.82 -4.31
N TYR B 116 -10.98 -12.15 -3.42
CA TYR B 116 -11.23 -12.19 -1.98
C TYR B 116 -12.62 -11.61 -1.62
N ASN B 117 -12.96 -10.42 -2.15
CA ASN B 117 -14.25 -9.75 -1.88
C ASN B 117 -15.46 -10.57 -2.34
N HIS B 118 -15.35 -11.30 -3.46
CA HIS B 118 -16.41 -12.20 -3.93
C HIS B 118 -16.44 -13.56 -3.15
N SER B 119 -15.32 -13.97 -2.51
CA SER B 119 -15.22 -15.27 -1.82
C SER B 119 -15.49 -15.22 -0.33
N VAL B 120 -14.81 -14.30 0.38
CA VAL B 120 -14.94 -14.16 1.82
C VAL B 120 -16.11 -13.20 2.07
N THR B 121 -17.30 -13.80 2.03
CA THR B 121 -18.60 -13.15 2.15
C THR B 121 -18.86 -12.62 3.57
N ASP B 122 -18.31 -13.31 4.59
CA ASP B 122 -18.43 -12.90 5.99
C ASP B 122 -17.03 -12.85 6.63
N PRO B 123 -16.31 -11.71 6.50
CA PRO B 123 -14.92 -11.64 6.99
C PRO B 123 -14.74 -11.73 8.51
N GLU B 124 -15.83 -11.61 9.29
CA GLU B 124 -15.83 -11.70 10.77
C GLU B 124 -15.41 -13.11 11.21
N LYS B 125 -15.91 -14.16 10.49
CA LYS B 125 -15.63 -15.59 10.72
C LYS B 125 -14.13 -15.89 10.64
N LEU B 126 -13.43 -15.32 9.62
CA LEU B 126 -12.00 -15.52 9.37
C LEU B 126 -11.11 -14.91 10.47
N GLY B 138 -4.11 -6.96 3.86
CA GLY B 138 -3.49 -7.79 2.83
C GLY B 138 -2.87 -7.04 1.65
N GLU B 139 -2.75 -5.67 1.76
CA GLU B 139 -2.14 -4.76 0.77
C GLU B 139 -0.61 -4.65 0.99
N THR B 140 -0.20 -4.62 2.30
CA THR B 140 1.21 -4.62 2.71
C THR B 140 1.78 -6.03 2.44
N SER B 141 0.92 -7.09 2.61
CA SER B 141 1.28 -8.48 2.35
C SER B 141 1.59 -8.66 0.87
N PHE B 142 0.74 -8.08 -0.01
CA PHE B 142 0.87 -8.22 -1.45
C PHE B 142 2.25 -7.77 -1.94
N ASP B 143 2.65 -6.55 -1.56
CA ASP B 143 3.93 -5.94 -1.96
C ASP B 143 5.11 -6.73 -1.40
N LEU B 144 4.96 -7.26 -0.19
CA LEU B 144 5.97 -8.11 0.43
C LEU B 144 6.13 -9.41 -0.35
N VAL B 145 5.01 -10.10 -0.66
CA VAL B 145 5.03 -11.34 -1.46
C VAL B 145 5.68 -11.07 -2.82
N ALA B 146 5.36 -9.93 -3.45
CA ALA B 146 5.93 -9.53 -4.74
C ALA B 146 7.45 -9.40 -4.61
N GLN B 147 7.93 -8.81 -3.49
CA GLN B 147 9.38 -8.71 -3.21
C GLN B 147 9.98 -10.10 -3.04
N MET B 148 9.33 -11.00 -2.30
CA MET B 148 9.81 -12.38 -2.10
C MET B 148 9.89 -13.15 -3.42
N ILE B 149 8.86 -13.02 -4.27
CA ILE B 149 8.84 -13.63 -5.60
C ILE B 149 10.08 -13.14 -6.42
N ASP B 150 10.33 -11.83 -6.43
CA ASP B 150 11.47 -11.23 -7.14
C ASP B 150 12.82 -11.66 -6.64
N GLU B 151 12.95 -11.83 -5.30
CA GLU B 151 14.17 -12.24 -4.62
C GLU B 151 14.47 -13.73 -4.76
N ILE B 152 13.46 -14.59 -4.54
CA ILE B 152 13.61 -16.05 -4.60
C ILE B 152 13.21 -16.46 -5.98
N LYS B 153 14.19 -16.52 -6.89
CA LYS B 153 13.92 -16.82 -8.30
C LYS B 153 13.58 -18.29 -8.42
N MET B 154 12.38 -18.56 -8.91
CA MET B 154 11.85 -19.92 -9.09
C MET B 154 11.76 -20.24 -10.58
N THR B 155 12.01 -21.51 -10.94
CA THR B 155 11.97 -22.00 -12.33
C THR B 155 10.94 -23.13 -12.47
N ASP B 156 10.77 -23.67 -13.71
CA ASP B 156 9.88 -24.79 -14.01
C ASP B 156 10.28 -26.09 -13.30
N ASP B 157 11.52 -26.15 -12.77
CA ASP B 157 12.01 -27.30 -12.00
C ASP B 157 11.47 -27.26 -10.58
N ASP B 158 11.06 -26.07 -10.10
CA ASP B 158 10.62 -25.92 -8.72
C ASP B 158 9.19 -26.38 -8.45
N LEU B 159 8.99 -26.86 -7.21
CA LEU B 159 7.68 -27.18 -6.63
C LEU B 159 7.55 -26.24 -5.42
N PHE B 160 6.47 -25.47 -5.39
CA PHE B 160 6.19 -24.49 -4.36
C PHE B 160 5.07 -24.95 -3.41
N VAL B 161 5.26 -24.72 -2.11
CA VAL B 161 4.26 -25.01 -1.09
C VAL B 161 4.22 -23.83 -0.10
N ASP B 162 3.02 -23.33 0.20
CA ASP B 162 2.78 -22.35 1.26
C ASP B 162 2.20 -23.20 2.39
N LEU B 163 2.97 -23.43 3.48
CA LEU B 163 2.55 -24.28 4.62
C LEU B 163 1.64 -23.50 5.55
N GLY B 164 0.36 -23.89 5.59
CA GLY B 164 -0.65 -23.13 6.33
C GLY B 164 -1.04 -21.95 5.45
N SER B 165 -1.76 -22.24 4.37
CA SER B 165 -2.06 -21.26 3.34
C SER B 165 -3.30 -20.37 3.53
N GLY B 166 -4.04 -20.55 4.63
CA GLY B 166 -5.23 -19.75 4.93
C GLY B 166 -6.28 -19.86 3.84
N VAL B 167 -6.72 -18.71 3.27
CA VAL B 167 -7.72 -18.69 2.18
C VAL B 167 -7.02 -18.79 0.80
N GLY B 168 -5.69 -18.88 0.82
CA GLY B 168 -4.88 -19.15 -0.39
C GLY B 168 -4.29 -18.02 -1.18
N GLN B 169 -4.36 -16.77 -0.69
CA GLN B 169 -3.86 -15.59 -1.45
C GLN B 169 -2.39 -15.63 -1.83
N VAL B 170 -1.52 -16.18 -0.96
CA VAL B 170 -0.10 -16.23 -1.28
C VAL B 170 0.13 -17.21 -2.43
N VAL B 171 -0.52 -18.38 -2.38
CA VAL B 171 -0.44 -19.39 -3.44
C VAL B 171 -0.92 -18.81 -4.79
N LEU B 172 -2.09 -18.13 -4.78
CA LEU B 172 -2.64 -17.50 -5.99
C LEU B 172 -1.67 -16.44 -6.55
N GLN B 173 -1.05 -15.62 -5.68
CA GLN B 173 -0.09 -14.60 -6.13
C GLN B 173 1.14 -15.24 -6.76
N VAL B 174 1.73 -16.24 -6.09
CA VAL B 174 2.90 -16.96 -6.61
C VAL B 174 2.56 -17.68 -7.93
N ALA B 175 1.42 -18.38 -7.98
CA ALA B 175 0.99 -19.10 -9.21
C ALA B 175 0.80 -18.15 -10.40
N ALA B 176 0.33 -16.92 -10.14
CA ALA B 176 0.14 -15.94 -11.22
C ALA B 176 1.45 -15.30 -11.64
N ALA B 177 2.50 -15.40 -10.81
CA ALA B 177 3.76 -14.73 -11.08
C ALA B 177 4.89 -15.63 -11.55
N THR B 178 4.90 -16.90 -11.18
CA THR B 178 6.05 -17.76 -11.50
C THR B 178 5.71 -18.89 -12.43
N ASN B 179 6.73 -19.61 -12.92
CA ASN B 179 6.50 -20.79 -13.73
C ASN B 179 6.90 -22.10 -13.00
N CYS B 180 6.70 -22.21 -11.64
CA CYS B 180 6.93 -23.48 -10.92
C CYS B 180 6.04 -24.51 -11.57
N LYS B 181 6.49 -25.77 -11.59
CA LYS B 181 5.74 -26.91 -12.10
C LYS B 181 4.32 -26.89 -11.48
N HIS B 182 4.25 -26.74 -10.13
CA HIS B 182 2.99 -26.73 -9.40
C HIS B 182 3.14 -25.94 -8.11
N HIS B 183 2.04 -25.30 -7.69
CA HIS B 183 2.00 -24.53 -6.46
C HIS B 183 0.95 -25.15 -5.57
N TYR B 184 1.29 -25.37 -4.31
CA TYR B 184 0.37 -25.97 -3.37
C TYR B 184 0.14 -25.08 -2.18
N GLY B 185 -1.05 -25.19 -1.64
CA GLY B 185 -1.45 -24.58 -0.38
C GLY B 185 -2.10 -25.65 0.47
N VAL B 186 -1.63 -25.77 1.72
CA VAL B 186 -2.18 -26.75 2.67
C VAL B 186 -2.66 -25.99 3.92
N GLU B 187 -3.95 -26.13 4.24
CA GLU B 187 -4.57 -25.44 5.37
C GLU B 187 -5.38 -26.43 6.21
N LYS B 188 -5.09 -26.46 7.52
CA LYS B 188 -5.71 -27.34 8.52
C LYS B 188 -7.05 -26.81 9.01
N ALA B 189 -7.17 -25.48 9.27
CA ALA B 189 -8.35 -24.86 9.84
C ALA B 189 -9.57 -24.90 8.89
N ASP B 190 -10.75 -25.28 9.45
CA ASP B 190 -12.01 -25.47 8.72
C ASP B 190 -12.50 -24.25 7.95
N ILE B 191 -12.70 -23.08 8.62
CA ILE B 191 -13.23 -21.86 7.99
C ILE B 191 -12.30 -21.35 6.85
N PRO B 192 -10.95 -21.20 7.03
CA PRO B 192 -10.10 -20.77 5.89
C PRO B 192 -10.07 -21.76 4.71
N ALA B 193 -9.97 -23.07 5.00
CA ALA B 193 -9.94 -24.13 3.98
C ALA B 193 -11.22 -24.16 3.14
N LYS B 194 -12.38 -23.87 3.77
CA LYS B 194 -13.68 -23.80 3.10
C LYS B 194 -13.71 -22.57 2.16
N TYR B 195 -13.30 -21.38 2.67
CA TYR B 195 -13.21 -20.17 1.87
C TYR B 195 -12.22 -20.32 0.69
N ALA B 196 -11.11 -21.08 0.88
CA ALA B 196 -10.11 -21.34 -0.15
C ALA B 196 -10.71 -22.04 -1.37
N GLU B 197 -11.71 -22.92 -1.17
CA GLU B 197 -12.43 -23.63 -2.24
C GLU B 197 -13.12 -22.63 -3.17
N THR B 198 -13.72 -21.54 -2.61
CA THR B 198 -14.37 -20.49 -3.39
C THR B 198 -13.30 -19.62 -4.05
N MET B 199 -12.22 -19.24 -3.29
CA MET B 199 -11.08 -18.44 -3.73
C MET B 199 -10.50 -19.04 -4.99
N ASP B 200 -10.34 -20.36 -4.99
CA ASP B 200 -9.84 -21.15 -6.12
C ASP B 200 -10.76 -20.98 -7.36
N ARG B 201 -12.08 -21.15 -7.18
CA ARG B 201 -13.10 -21.03 -8.24
C ARG B 201 -13.13 -19.61 -8.81
N GLU B 202 -13.29 -18.62 -7.94
CA GLU B 202 -13.30 -17.21 -8.28
C GLU B 202 -12.01 -16.77 -9.01
N PHE B 203 -10.84 -17.29 -8.58
CA PHE B 203 -9.57 -16.92 -9.19
C PHE B 203 -9.49 -17.41 -10.62
N ARG B 204 -9.80 -18.68 -10.86
CA ARG B 204 -9.81 -19.25 -12.20
C ARG B 204 -10.76 -18.48 -13.11
N LYS B 205 -11.95 -18.11 -12.58
CA LYS B 205 -13.00 -17.38 -13.29
C LYS B 205 -12.55 -15.97 -13.67
N TRP B 206 -12.07 -15.17 -12.68
CA TRP B 206 -11.61 -13.83 -12.97
C TRP B 206 -10.41 -13.82 -13.87
N MET B 207 -9.45 -14.75 -13.68
CA MET B 207 -8.27 -14.80 -14.55
C MET B 207 -8.69 -15.05 -16.01
N LYS B 208 -9.69 -15.91 -16.24
CA LYS B 208 -10.24 -16.15 -17.58
C LYS B 208 -10.93 -14.89 -18.08
N TRP B 209 -11.70 -14.17 -17.22
CA TRP B 209 -12.44 -12.95 -17.60
C TRP B 209 -11.49 -11.89 -18.20
N TYR B 210 -10.32 -11.71 -17.59
CA TYR B 210 -9.30 -10.75 -18.05
C TYR B 210 -8.43 -11.33 -19.16
N GLY B 211 -8.47 -12.67 -19.32
CA GLY B 211 -7.65 -13.40 -20.28
C GLY B 211 -6.21 -13.54 -19.82
N LYS B 212 -6.01 -13.74 -18.51
CA LYS B 212 -4.68 -13.84 -17.90
C LYS B 212 -4.25 -15.27 -17.60
N LYS B 213 -2.95 -15.53 -17.79
CA LYS B 213 -2.32 -16.82 -17.54
C LYS B 213 -1.84 -16.93 -16.10
N HIS B 214 -1.92 -18.14 -15.53
CA HIS B 214 -1.36 -18.50 -14.21
C HIS B 214 -0.86 -19.94 -14.33
N ALA B 215 0.13 -20.28 -13.51
CA ALA B 215 0.70 -21.63 -13.43
C ALA B 215 -0.32 -22.54 -12.70
N GLU B 216 -0.09 -23.85 -12.71
CA GLU B 216 -0.96 -24.80 -12.01
C GLU B 216 -0.80 -24.68 -10.50
N TYR B 217 -1.91 -24.81 -9.79
CA TYR B 217 -1.90 -24.75 -8.33
C TYR B 217 -3.03 -25.61 -7.77
N THR B 218 -2.91 -25.96 -6.48
CA THR B 218 -3.91 -26.71 -5.74
C THR B 218 -3.98 -26.18 -4.31
N LEU B 219 -5.18 -25.84 -3.85
CA LEU B 219 -5.47 -25.45 -2.48
C LEU B 219 -6.09 -26.69 -1.84
N GLU B 220 -5.42 -27.25 -0.80
CA GLU B 220 -5.85 -28.48 -0.14
C GLU B 220 -6.13 -28.24 1.34
N ARG B 221 -7.05 -29.02 1.89
CA ARG B 221 -7.33 -29.04 3.30
C ARG B 221 -6.48 -30.18 3.83
N GLY B 222 -5.69 -29.93 4.86
CA GLY B 222 -4.83 -30.96 5.43
C GLY B 222 -3.91 -30.48 6.52
N ASP B 223 -3.22 -31.41 7.16
CA ASP B 223 -2.26 -31.11 8.22
C ASP B 223 -0.87 -31.28 7.62
N PHE B 224 -0.04 -30.21 7.64
CA PHE B 224 1.30 -30.32 7.08
C PHE B 224 2.26 -31.16 7.95
N LEU B 225 1.78 -31.62 9.13
CA LEU B 225 2.56 -32.47 10.02
C LEU B 225 2.20 -33.95 9.87
N SER B 226 1.29 -34.27 8.93
CA SER B 226 0.86 -35.67 8.67
C SER B 226 1.97 -36.49 7.95
N GLU B 227 1.83 -37.83 7.93
CA GLU B 227 2.77 -38.75 7.26
C GLU B 227 2.82 -38.50 5.76
N GLU B 228 1.66 -38.23 5.15
CA GLU B 228 1.53 -37.88 3.74
C GLU B 228 2.41 -36.65 3.47
N TRP B 229 2.28 -35.61 4.32
CA TRP B 229 3.03 -34.36 4.13
C TRP B 229 4.53 -34.46 4.43
N ARG B 230 4.98 -35.48 5.19
CA ARG B 230 6.39 -35.72 5.49
C ARG B 230 7.20 -35.92 4.18
N GLU B 231 6.72 -36.80 3.29
CA GLU B 231 7.35 -37.08 1.99
C GLU B 231 7.20 -35.93 1.01
N ARG B 232 6.03 -35.28 1.02
CA ARG B 232 5.74 -34.10 0.17
C ARG B 232 6.68 -32.95 0.48
N ILE B 233 6.91 -32.67 1.78
CA ILE B 233 7.86 -31.64 2.24
C ILE B 233 9.28 -32.03 1.78
N ALA B 234 9.66 -33.32 1.95
CA ALA B 234 10.96 -33.83 1.51
C ALA B 234 11.17 -33.56 0.00
N ASN B 235 10.09 -33.61 -0.79
CA ASN B 235 10.12 -33.41 -2.24
C ASN B 235 9.80 -32.00 -2.72
N THR B 236 9.72 -31.01 -1.80
CA THR B 236 9.42 -29.62 -2.18
C THR B 236 10.73 -28.83 -2.26
N SER B 237 10.93 -28.09 -3.35
CA SER B 237 12.16 -27.30 -3.50
C SER B 237 12.01 -25.90 -2.88
N VAL B 238 10.77 -25.35 -2.84
CA VAL B 238 10.51 -24.01 -2.29
C VAL B 238 9.32 -24.05 -1.32
N ILE B 239 9.59 -23.79 -0.04
CA ILE B 239 8.56 -23.71 1.00
C ILE B 239 8.45 -22.23 1.47
N PHE B 240 7.22 -21.73 1.54
CA PHE B 240 6.91 -20.43 2.13
C PHE B 240 6.10 -20.80 3.38
N VAL B 241 6.40 -20.17 4.50
CA VAL B 241 5.67 -20.50 5.71
C VAL B 241 5.57 -19.26 6.62
N ASN B 242 4.35 -18.88 6.96
CA ASN B 242 4.15 -17.78 7.90
C ASN B 242 4.10 -18.44 9.29
N ASN B 243 5.29 -18.69 9.86
CA ASN B 243 5.45 -19.41 11.13
C ASN B 243 5.40 -18.51 12.38
N PHE B 244 5.18 -17.19 12.22
CA PHE B 244 5.18 -16.25 13.36
C PHE B 244 4.30 -16.71 14.56
N ALA B 245 3.05 -17.13 14.29
CA ALA B 245 2.12 -17.55 15.34
C ALA B 245 2.19 -19.06 15.75
N PHE B 246 3.14 -19.84 15.20
CA PHE B 246 3.26 -21.26 15.53
C PHE B 246 3.78 -21.52 16.93
N GLY B 247 3.24 -22.56 17.56
CA GLY B 247 3.68 -23.01 18.87
C GLY B 247 5.04 -23.70 18.76
N PRO B 248 5.74 -23.91 19.89
CA PRO B 248 7.06 -24.55 19.81
C PRO B 248 7.03 -26.01 19.35
N GLU B 249 5.87 -26.69 19.51
CA GLU B 249 5.71 -28.08 19.10
C GLU B 249 5.53 -28.18 17.60
N VAL B 250 4.78 -27.24 16.98
CA VAL B 250 4.59 -27.19 15.54
C VAL B 250 5.95 -26.84 14.90
N ASP B 251 6.64 -25.84 15.46
CA ASP B 251 7.97 -25.41 15.05
C ASP B 251 8.99 -26.57 15.15
N HIS B 252 8.96 -27.31 16.28
CA HIS B 252 9.85 -28.45 16.51
C HIS B 252 9.59 -29.53 15.47
N GLN B 253 8.32 -29.89 15.24
CA GLN B 253 7.93 -30.89 14.25
C GLN B 253 8.29 -30.47 12.80
N LEU B 254 8.18 -29.17 12.49
CA LEU B 254 8.50 -28.62 11.16
C LEU B 254 9.97 -28.73 10.87
N LYS B 255 10.83 -28.40 11.85
CA LYS B 255 12.28 -28.53 11.72
C LYS B 255 12.63 -29.98 11.33
N GLU B 256 11.91 -30.96 11.91
CA GLU B 256 12.08 -32.39 11.68
C GLU B 256 11.69 -32.75 10.23
N ARG B 257 10.66 -32.07 9.69
CA ARG B 257 10.20 -32.25 8.29
C ARG B 257 11.23 -31.64 7.33
N PHE B 258 11.76 -30.45 7.66
CA PHE B 258 12.77 -29.74 6.87
C PHE B 258 14.09 -30.49 6.77
N ALA B 259 14.43 -31.30 7.81
CA ALA B 259 15.63 -32.15 7.86
C ALA B 259 15.64 -33.23 6.76
N ASN B 260 14.49 -33.53 6.14
CA ASN B 260 14.38 -34.49 5.04
C ASN B 260 14.44 -33.82 3.65
N MET B 261 14.54 -32.48 3.60
CA MET B 261 14.58 -31.77 2.31
C MET B 261 15.92 -31.99 1.59
N LYS B 262 15.90 -31.83 0.26
CA LYS B 262 17.04 -32.01 -0.62
C LYS B 262 18.00 -30.82 -0.50
N GLU B 263 19.30 -31.04 -0.79
CA GLU B 263 20.35 -30.04 -0.82
C GLU B 263 19.89 -28.89 -1.74
N GLY B 264 19.99 -27.63 -1.29
CA GLY B 264 19.54 -26.47 -2.08
C GLY B 264 18.08 -26.10 -1.92
N GLY B 265 17.33 -26.92 -1.18
CA GLY B 265 15.92 -26.69 -0.87
C GLY B 265 15.82 -25.40 -0.07
N ARG B 266 14.77 -24.62 -0.32
CA ARG B 266 14.65 -23.31 0.33
C ARG B 266 13.38 -23.14 1.14
N ILE B 267 13.50 -22.45 2.29
CA ILE B 267 12.39 -22.14 3.19
C ILE B 267 12.38 -20.63 3.43
N VAL B 268 11.28 -19.98 3.08
CA VAL B 268 11.08 -18.55 3.26
C VAL B 268 10.02 -18.38 4.36
N SER B 269 10.42 -17.77 5.48
CA SER B 269 9.53 -17.66 6.62
C SER B 269 9.49 -16.27 7.23
N SER B 270 8.50 -16.02 8.11
CA SER B 270 8.34 -14.74 8.80
C SER B 270 9.20 -14.66 10.08
N LYS B 271 9.65 -15.81 10.58
CA LYS B 271 10.50 -15.92 11.78
C LYS B 271 11.57 -16.98 11.44
N PRO B 272 12.88 -16.75 11.73
CA PRO B 272 13.90 -17.77 11.39
C PRO B 272 13.74 -19.07 12.17
N PHE B 273 14.05 -20.20 11.53
CA PHE B 273 14.02 -21.52 12.16
C PHE B 273 15.35 -21.84 12.84
N ALA B 274 16.39 -21.08 12.51
CA ALA B 274 17.70 -21.28 13.14
C ALA B 274 18.39 -19.91 13.30
N PRO B 275 19.35 -19.73 14.24
CA PRO B 275 20.00 -18.40 14.37
C PRO B 275 20.74 -18.01 13.08
N LEU B 276 20.80 -16.71 12.84
CA LEU B 276 21.44 -16.11 11.67
C LEU B 276 22.96 -16.30 11.72
N ASN B 277 23.50 -16.36 12.96
CA ASN B 277 24.90 -16.50 13.35
C ASN B 277 25.22 -17.86 13.96
N PHE B 278 24.46 -18.93 13.60
CA PHE B 278 24.69 -20.27 14.17
C PHE B 278 26.14 -20.71 14.03
N ARG B 279 26.72 -21.20 15.15
CA ARG B 279 28.08 -21.70 15.20
C ARG B 279 28.04 -23.12 15.71
N ILE B 280 28.29 -24.07 14.81
CA ILE B 280 28.29 -25.49 15.10
C ILE B 280 29.37 -25.84 16.13
N ASN B 281 29.00 -26.63 17.14
CA ASN B 281 29.88 -27.13 18.19
C ASN B 281 29.35 -28.49 18.64
N SER B 282 30.04 -29.11 19.63
CA SER B 282 29.72 -30.42 20.18
C SER B 282 28.36 -30.47 20.89
N ARG B 283 27.89 -29.34 21.40
CA ARG B 283 26.65 -29.24 22.16
C ARG B 283 25.38 -28.91 21.36
N ASN B 284 25.50 -28.56 20.08
CA ASN B 284 24.31 -28.19 19.28
C ASN B 284 24.13 -28.98 17.96
N LEU B 285 24.62 -30.22 17.91
CA LEU B 285 24.55 -31.08 16.72
C LEU B 285 23.15 -31.61 16.37
N SER B 286 22.18 -31.47 17.29
CA SER B 286 20.80 -31.90 17.08
C SER B 286 19.95 -30.78 16.50
N ASP B 287 20.54 -29.57 16.42
CA ASP B 287 19.85 -28.38 15.92
C ASP B 287 19.80 -28.30 14.40
N ILE B 288 18.70 -27.74 13.86
CA ILE B 288 18.51 -27.57 12.41
C ILE B 288 19.58 -26.64 11.78
N GLY B 289 20.20 -25.78 12.59
CA GLY B 289 21.26 -24.87 12.16
C GLY B 289 22.46 -25.58 11.55
N THR B 290 22.63 -26.86 11.87
CA THR B 290 23.73 -27.70 11.37
C THR B 290 23.58 -28.01 9.87
N ILE B 291 22.36 -27.90 9.31
CA ILE B 291 22.14 -28.30 7.92
C ILE B 291 21.52 -27.20 7.02
N MET B 292 21.57 -25.95 7.43
CA MET B 292 21.03 -24.87 6.60
C MET B 292 21.68 -23.53 6.83
N ARG B 293 21.84 -22.76 5.74
CA ARG B 293 22.31 -21.36 5.76
C ARG B 293 21.03 -20.56 5.95
N VAL B 294 21.06 -19.51 6.79
CA VAL B 294 19.91 -18.66 7.09
C VAL B 294 20.33 -17.20 6.88
N VAL B 295 19.54 -16.43 6.12
CA VAL B 295 19.76 -15.00 5.87
C VAL B 295 18.47 -14.21 6.08
N GLU B 296 18.61 -13.01 6.60
CA GLU B 296 17.52 -12.07 6.83
C GLU B 296 17.53 -11.18 5.63
N LEU B 297 16.38 -11.12 4.95
CA LEU B 297 16.18 -10.28 3.77
C LEU B 297 15.17 -9.20 4.09
N SER B 298 15.35 -8.04 3.51
CA SER B 298 14.41 -6.96 3.77
C SER B 298 14.16 -6.10 2.54
N PRO B 299 12.90 -5.74 2.25
CA PRO B 299 12.66 -4.80 1.14
C PRO B 299 13.34 -3.43 1.33
N LEU B 300 13.60 -3.02 2.58
CA LEU B 300 14.30 -1.79 2.92
C LEU B 300 15.75 -1.71 2.41
N LYS B 301 16.42 -2.87 2.26
CA LYS B 301 17.76 -3.01 1.70
C LYS B 301 17.63 -3.28 0.17
N GLY B 302 18.61 -2.83 -0.60
CA GLY B 302 18.61 -3.04 -2.05
C GLY B 302 18.36 -1.81 -2.91
N SER B 303 18.17 -2.07 -4.23
CA SER B 303 17.95 -1.07 -5.28
C SER B 303 16.51 -0.59 -5.41
N VAL B 304 15.54 -1.39 -4.91
CA VAL B 304 14.11 -1.04 -4.95
C VAL B 304 13.75 0.04 -3.91
N SER B 305 12.83 0.95 -4.28
CA SER B 305 12.34 2.03 -3.40
C SER B 305 11.08 1.60 -2.59
N TRP B 306 11.30 0.99 -1.39
CA TRP B 306 10.26 0.50 -0.46
C TRP B 306 9.75 1.63 0.42
N THR B 307 8.43 1.70 0.61
CA THR B 307 7.78 2.70 1.44
C THR B 307 6.75 2.06 2.40
N GLY B 308 6.70 0.74 2.46
CA GLY B 308 5.81 0.03 3.39
C GLY B 308 6.44 -0.16 4.76
N LYS B 309 5.88 -1.08 5.58
CA LYS B 309 6.36 -1.46 6.94
C LYS B 309 7.82 -1.95 6.94
N PRO B 310 8.61 -1.64 7.98
CA PRO B 310 10.00 -2.12 8.04
C PRO B 310 10.04 -3.62 8.41
N VAL B 311 9.76 -4.47 7.44
CA VAL B 311 9.65 -5.92 7.60
C VAL B 311 10.84 -6.68 7.10
N SER B 312 10.96 -7.89 7.61
CA SER B 312 11.98 -8.82 7.21
C SER B 312 11.34 -10.16 6.92
N TYR B 313 12.01 -10.93 6.07
CA TYR B 313 11.69 -12.33 5.81
C TYR B 313 13.00 -13.11 5.88
N TYR B 314 12.90 -14.42 6.08
CA TYR B 314 14.07 -15.25 6.35
C TYR B 314 14.21 -16.35 5.35
N LEU B 315 15.35 -16.39 4.66
CA LEU B 315 15.63 -17.40 3.66
C LEU B 315 16.59 -18.45 4.24
N HIS B 316 16.12 -19.73 4.31
CA HIS B 316 16.88 -20.89 4.79
C HIS B 316 17.19 -21.76 3.59
N THR B 317 18.47 -22.13 3.41
CA THR B 317 18.89 -22.98 2.29
C THR B 317 19.53 -24.22 2.86
N ILE B 318 18.99 -25.39 2.48
CA ILE B 318 19.51 -26.69 2.91
C ILE B 318 20.94 -26.82 2.38
N ASP B 319 21.89 -26.95 3.34
CA ASP B 319 23.34 -27.01 3.14
C ASP B 319 23.98 -27.95 4.19
N ARG B 320 24.11 -29.24 3.85
CA ARG B 320 24.70 -30.24 4.76
C ARG B 320 26.22 -30.12 4.87
N THR B 321 26.86 -29.20 4.08
CA THR B 321 28.32 -28.98 4.14
C THR B 321 28.73 -28.35 5.46
N ILE B 322 27.77 -27.74 6.18
CA ILE B 322 28.02 -27.16 7.50
C ILE B 322 28.40 -28.30 8.46
N LEU B 323 27.55 -29.36 8.45
CA LEU B 323 27.72 -30.56 9.26
C LEU B 323 28.93 -31.39 8.82
N GLU B 324 29.16 -31.56 7.49
CA GLU B 324 30.28 -32.33 6.95
C GLU B 324 31.62 -31.72 7.38
N ASN B 325 31.77 -30.37 7.25
CA ASN B 325 33.01 -29.66 7.60
C ASN B 325 33.35 -29.81 9.08
N TYR B 326 32.33 -29.76 9.96
CA TYR B 326 32.50 -29.92 11.41
C TYR B 326 33.04 -31.31 11.70
N PHE B 327 32.47 -32.35 11.07
CA PHE B 327 32.93 -33.74 11.24
C PHE B 327 34.34 -33.95 10.69
N SER B 328 34.65 -33.36 9.50
CA SER B 328 35.97 -33.42 8.87
C SER B 328 37.03 -32.80 9.76
N SER B 329 36.65 -31.70 10.47
CA SER B 329 37.54 -31.02 11.42
C SER B 329 37.76 -31.82 12.72
N LEU B 330 36.80 -32.68 13.10
CA LEU B 330 36.90 -33.54 14.29
C LEU B 330 37.87 -34.70 14.05
N LYS B 331 37.94 -35.16 12.78
CA LYS B 331 38.79 -36.26 12.33
C LYS B 331 40.23 -35.78 12.02
N ASN B 332 40.40 -34.44 11.85
CA ASN B 332 41.67 -33.77 11.56
C ASN B 332 41.99 -32.72 12.63
C1 5JU C . -6.16 11.34 -2.46
C3 5JU C . -7.86 9.75 -1.99
C41 5JU C . -7.46 15.73 3.23
C43 5JU C . -14.24 17.43 5.70
C45 5JU C . -4.70 11.77 -2.15
C11 5JU C . -6.51 14.91 -1.97
C12 5JU C . -6.66 13.32 -4.07
C13 5JU C . -6.45 13.46 -5.39
C16 5JU C . -6.28 16.25 -1.56
C18 5JU C . -6.92 15.91 0.84
C20 5JU C . -15.71 23.85 2.44
C21 5JU C . -15.38 25.19 2.68
C23 5JU C . -13.53 24.54 3.92
C25 5JU C . -14.92 22.81 3.00
C26 5JU C . -16.98 23.98 1.62
C27 5JU C . -17.23 25.29 1.48
C30 5JU C . -16.23 20.93 2.00
N2 5JU C . -6.60 10.23 -1.84
C4 5JU C . -8.75 10.40 -2.86
C5 5JU C . -8.33 11.56 -3.53
C6 5JU C . -7.03 12.03 -3.36
C7 5JU C . -6.45 14.63 -3.34
C8 5JU C . -6.11 15.61 -4.26
C9 5JU C . -5.85 16.93 -3.86
C10 5JU C . -5.95 17.25 -2.51
S14 5JU C . -6.06 15.05 -5.92
CL 5JU C . -6.74 12.23 -6.61
N17 5JU C . -6.34 16.62 -0.17
O19 5JU C . -7.41 14.81 0.65
N22 5JU C . -14.30 25.53 3.42
N24 5JU C . -13.86 23.24 3.73
N28 5JU C . -16.30 25.98 2.10
N29 5JU C . -15.10 21.46 2.79
C31 5JU C . -17.01 19.86 2.81
C32 5JU C . -16.02 18.74 3.23
C33 5JU C . -14.82 19.30 4.06
C34 5JU C . -14.12 20.48 3.31
N35 5JU C . -13.85 18.25 4.53
C36 5JU C . -13.21 17.46 3.43
C37 5JU C . -11.69 17.28 3.56
C38 5JU C . -11.14 16.42 2.39
N39 5JU C . -9.69 16.39 2.40
C40 5JU C . -8.97 15.69 3.31
O42 5JU C . -9.46 15.02 4.22
N44 5JU C . -6.93 16.47 2.08
S SO4 D . 14.30 3.37 30.71
O1 SO4 D . 14.32 2.14 29.91
O2 SO4 D . 15.67 3.67 31.16
O3 SO4 D . 13.43 3.19 31.87
O4 SO4 D . 13.81 4.49 29.92
S SO4 E . 17.25 17.67 3.58
O1 SO4 E . 18.50 17.57 4.32
O2 SO4 E . 17.56 17.97 2.17
O3 SO4 E . 16.53 16.40 3.64
O4 SO4 E . 16.45 18.74 4.17
C1 5JU F . 3.31 -11.80 4.79
C3 5JU F . 2.24 -10.60 6.57
C41 5JU F . -1.49 -17.07 3.83
C43 5JU F . -5.09 -20.32 9.58
C45 5JU F . 3.35 -12.01 3.27
C11 5JU F . 3.52 -15.33 4.41
C12 5JU F . 5.16 -13.50 5.33
C13 5JU F . 6.49 -13.41 5.47
C16 5JU F . 3.43 -16.66 3.97
C18 5JU F . 0.94 -16.71 4.00
C20 5JU F . -1.11 -26.40 10.73
C21 5JU F . -0.95 -27.66 10.17
C23 5JU F . -1.82 -26.91 8.14
C25 5JU F . -1.65 -25.34 9.96
C26 5JU F . -0.62 -26.60 12.14
C27 5JU F . -0.24 -27.89 12.25
C30 5JU F . -1.30 -23.59 11.74
N2 5JU F . 2.41 -10.88 5.25
C4 5JU F . 3.05 -11.23 7.53
C5 5JU F . 3.99 -12.19 7.10
C6 5JU F . 4.14 -12.46 5.71
C7 5JU F . 4.78 -14.82 4.74
C8 5JU F . 5.93 -15.58 4.55
C9 5JU F . 5.88 -16.87 4.03
C10 5JU F . 4.60 -17.39 3.71
S14 5JU F . 7.44 -14.76 4.96
CL 5JU F . 7.34 -12.06 6.16
N17 5JU F . 2.15 -17.24 3.66
O19 5JU F . 0.79 -15.64 4.62
N22 5JU F . -1.31 -27.92 8.90
N24 5JU F . -1.95 -25.67 8.67
N28 5JU F . -0.46 -28.49 11.12
N29 5JU F . -1.80 -24.04 10.40
C31 5JU F . -2.33 -22.73 12.49
C32 5JU F . -2.74 -21.53 11.59
C33 5JU F . -3.33 -22.03 10.23
C34 5JU F . -2.36 -23.03 9.51
N35 5JU F . -3.75 -20.93 9.31
C36 5JU F . -2.69 -19.92 9.01
C37 5JU F . -2.69 -19.33 7.58
C38 5JU F . -1.59 -18.23 7.49
N39 5JU F . -1.21 -18.01 6.10
C40 5JU F . -1.95 -17.24 5.26
O42 5JU F . -3.01 -16.69 5.56
N44 5JU F . -0.12 -17.45 3.59
S SO4 G . -25.07 -4.77 -22.27
O1 SO4 G . -24.37 -5.17 -23.48
O2 SO4 G . -24.64 -3.41 -21.82
O3 SO4 G . -24.79 -5.77 -21.22
O4 SO4 G . -26.52 -4.73 -22.56
S SO4 H . 4.06 -14.43 -19.91
O1 SO4 H . 5.05 -15.39 -19.43
O2 SO4 H . 4.37 -14.04 -21.28
O3 SO4 H . 2.74 -15.06 -19.89
O4 SO4 H . 4.07 -13.25 -19.05
#